data_5Z1A
#
_entry.id   5Z1A
#
_cell.length_a   80.253
_cell.length_b   103.135
_cell.length_c   199.147
_cell.angle_alpha   90.000
_cell.angle_beta   90.000
_cell.angle_gamma   90.000
#
_symmetry.space_group_name_H-M   'I 2 2 2'
#
loop_
_entity.id
_entity.type
_entity.pdbx_description
1 polymer 'Putative beta-galactosidase'
2 non-polymer '(3S,4R,5R)-4,5-dihydroxypiperidine-3-carboxylic acid'
3 water water
#
_entity_poly.entity_id   1
_entity_poly.type   'polypeptide(L)'
_entity_poly.pdbx_seq_one_letter_code
;MGSSHHHHHHSSGLVPRGSMSLRQDILLNNNWNFRFSHQVQGDTRRVDLPHTWNAQDALAGKIDYKRGIGNYEKALYIRP
EWKGKRLFLRFDGVNSIADVFINRKHIGEHRGGYGAFIFEITDLVKYGEKNSVLVRANNGEQLDIMPLVGDFNFYGGIYR
DVHLLITDETCISPLDYASPGVYLVQEVVSPQEAKVCAKVNLSNRAADGTAELQVLVTDGTKVICKESRNVSLKQGADIL
EQLPLLIQKPRLWNGCEDPFMYQVSISLHKDGKQIDSVTQPLGLRYYHTDPDKGFFLNGKHLPLHGVCRHQDRAEVGNAL
RPQHHEEDVALMREMGVNAIRLAHYPQATYMYDLMDKHGIVTWAEIPFVGPGGYADKGFVDQASFRENGKQQLIELIRQH
YNHPSICFWGLFNELKEVGDNPVEYVKELNALAKQEDPTRPTTSASNQDGNLNFITENIAWNRYDGWYGSTPKTLATFLD
RTHKKHPELRIGISEYGAGASIYHQQDSLKQPSASGWWHPENWQTYYHMENWKIIAERPFVWGTFVWNMFDFGAAHRTEG
DRPGINDKGLVTFDRKVRKDAFYFYKANWNKQEPMIYLAEKRCRLRYQPEQTFMAFTTAPEAELFVNGVSCGKQKADTYS
TVVWKNVKLTSGENIIRVTTPGKKPLTDEVTVEYKEDREG
;
_entity_poly.pdbx_strand_id   A
#
# COMPACT_ATOMS: atom_id res chain seq x y z
N SER A 21 -3.18 -35.46 2.80
CA SER A 21 -4.56 -35.08 2.49
C SER A 21 -4.71 -33.57 2.41
N LEU A 22 -4.02 -32.85 3.28
CA LEU A 22 -4.12 -31.41 3.31
C LEU A 22 -3.12 -30.78 2.35
N ARG A 23 -3.52 -29.67 1.78
CA ARG A 23 -2.62 -28.83 1.01
C ARG A 23 -1.48 -28.35 1.94
N GLN A 24 -0.23 -28.41 1.47
CA GLN A 24 0.89 -27.90 2.27
C GLN A 24 1.47 -26.63 1.64
N ASP A 25 1.94 -25.72 2.48
CA ASP A 25 2.54 -24.46 2.03
C ASP A 25 3.82 -24.26 2.83
N ILE A 26 4.96 -24.56 2.21
CA ILE A 26 6.24 -24.63 2.92
C ILE A 26 7.12 -23.44 2.58
N LEU A 27 7.52 -22.68 3.60
CA LEU A 27 8.34 -21.50 3.37
C LEU A 27 9.77 -21.92 3.00
N LEU A 28 10.28 -21.38 1.89
CA LEU A 28 11.64 -21.65 1.47
C LEU A 28 12.56 -20.44 1.67
N ASN A 29 12.38 -19.71 2.75
CA ASN A 29 13.14 -18.49 2.90
C ASN A 29 14.56 -18.66 3.43
N ASN A 30 14.88 -19.71 4.17
CA ASN A 30 16.20 -19.59 4.81
C ASN A 30 17.35 -20.21 4.06
N ASN A 31 18.51 -19.59 4.20
CA ASN A 31 19.78 -20.12 3.73
C ASN A 31 19.84 -20.42 2.22
N TRP A 32 19.95 -19.36 1.45
CA TRP A 32 20.24 -19.45 0.03
C TRP A 32 21.67 -19.04 -0.22
N ASN A 33 22.30 -19.60 -1.25
CA ASN A 33 23.62 -19.14 -1.69
C ASN A 33 23.49 -18.01 -2.71
N PHE A 34 24.14 -16.87 -2.47
CA PHE A 34 24.00 -15.71 -3.35
C PHE A 34 25.32 -15.23 -3.96
N ARG A 35 25.27 -14.80 -5.22
CA ARG A 35 26.34 -13.98 -5.80
C ARG A 35 25.77 -13.13 -6.93
N PHE A 36 26.43 -12.00 -7.20
CA PHE A 36 26.16 -11.19 -8.39
C PHE A 36 26.78 -11.85 -9.61
N SER A 37 26.13 -11.73 -10.78
CA SER A 37 26.79 -12.27 -11.97
C SER A 37 28.06 -11.46 -12.32
N HIS A 38 28.16 -10.22 -11.87
CA HIS A 38 29.38 -9.44 -12.15
C HIS A 38 30.55 -9.93 -11.30
N GLN A 39 30.25 -10.79 -10.31
CA GLN A 39 31.28 -11.52 -9.58
C GLN A 39 31.53 -12.85 -10.31
N VAL A 40 32.56 -12.91 -11.15
CA VAL A 40 32.65 -14.00 -12.11
C VAL A 40 33.22 -15.32 -11.55
N GLN A 41 33.83 -15.29 -10.36
CA GLN A 41 34.55 -16.46 -9.87
C GLN A 41 33.64 -17.65 -9.47
N GLY A 42 32.47 -17.38 -8.92
CA GLY A 42 31.55 -18.46 -8.61
C GLY A 42 31.33 -18.70 -7.12
N ASP A 43 32.14 -18.09 -6.27
CA ASP A 43 31.95 -18.28 -4.84
C ASP A 43 30.72 -17.48 -4.41
N THR A 44 30.11 -17.89 -3.32
CA THR A 44 28.81 -17.35 -2.93
C THR A 44 28.83 -16.97 -1.45
N ARG A 45 27.79 -16.27 -0.99
CA ARG A 45 27.59 -16.07 0.45
C ARG A 45 26.19 -16.46 0.83
N ARG A 46 26.00 -16.81 2.10
CA ARG A 46 24.65 -17.09 2.57
C ARG A 46 23.77 -15.85 2.60
N VAL A 47 22.54 -15.98 2.13
CA VAL A 47 21.54 -14.92 2.40
C VAL A 47 20.25 -15.57 2.89
N ASP A 48 19.35 -14.75 3.44
CA ASP A 48 18.07 -15.24 3.92
C ASP A 48 16.96 -14.32 3.42
N LEU A 49 15.90 -14.91 2.89
CA LEU A 49 14.80 -14.13 2.33
C LEU A 49 13.86 -13.69 3.45
N PRO A 50 13.14 -12.57 3.27
CA PRO A 50 13.18 -11.61 2.16
C PRO A 50 14.51 -10.93 2.07
N HIS A 51 14.95 -10.69 0.83
CA HIS A 51 16.27 -10.11 0.61
C HIS A 51 16.25 -9.11 -0.54
N THR A 52 16.93 -7.99 -0.37
CA THR A 52 17.31 -7.15 -1.51
C THR A 52 18.80 -6.86 -1.43
N TRP A 53 19.46 -6.74 -2.58
CA TRP A 53 20.86 -6.39 -2.57
C TRP A 53 21.08 -4.88 -2.58
N ASN A 54 19.99 -4.10 -2.50
CA ASN A 54 20.12 -2.63 -2.59
C ASN A 54 19.80 -1.94 -1.28
N ALA A 55 19.92 -2.64 -0.17
CA ALA A 55 19.57 -2.05 1.13
C ALA A 55 20.67 -1.14 1.69
N GLN A 56 21.91 -1.30 1.21
CA GLN A 56 22.97 -0.38 1.59
C GLN A 56 23.23 0.67 0.52
N ASP A 57 23.46 0.29 -0.74
CA ASP A 57 23.94 1.31 -1.69
C ASP A 57 22.84 2.32 -2.06
N ALA A 58 21.63 1.88 -2.38
CA ALA A 58 20.61 2.84 -2.76
C ALA A 58 20.27 3.73 -1.56
N LEU A 59 20.24 3.13 -0.37
CA LEU A 59 19.83 3.89 0.81
C LEU A 59 20.89 4.88 1.28
N ALA A 60 22.08 4.75 0.76
CA ALA A 60 23.15 5.68 1.05
C ALA A 60 23.14 6.86 0.07
N GLY A 61 22.18 6.87 -0.86
CA GLY A 61 22.09 7.95 -1.82
C GLY A 61 23.00 7.72 -3.02
N LYS A 62 23.43 6.47 -3.23
CA LYS A 62 24.25 6.20 -4.41
C LYS A 62 23.36 6.17 -5.66
N ILE A 63 23.45 7.15 -6.57
CA ILE A 63 22.41 7.20 -7.61
C ILE A 63 22.53 6.08 -8.66
N ASP A 64 23.75 5.57 -8.84
CA ASP A 64 23.97 4.45 -9.75
C ASP A 64 24.13 3.18 -8.92
N TYR A 65 23.19 2.95 -8.02
CA TYR A 65 23.21 1.74 -7.20
C TYR A 65 23.07 0.51 -8.10
N LYS A 66 23.39 -0.66 -7.57
CA LYS A 66 23.51 -1.86 -8.42
C LYS A 66 22.18 -2.29 -9.03
N ARG A 67 22.13 -2.29 -10.36
CA ARG A 67 20.94 -2.70 -11.08
C ARG A 67 21.36 -3.70 -12.12
N GLY A 68 21.09 -4.97 -11.84
CA GLY A 68 21.58 -6.04 -12.72
C GLY A 68 21.27 -7.38 -12.09
N ILE A 69 22.07 -8.39 -12.35
CA ILE A 69 21.68 -9.74 -11.96
C ILE A 69 22.30 -10.25 -10.65
N GLY A 70 21.44 -10.75 -9.77
CA GLY A 70 21.87 -11.44 -8.57
C GLY A 70 21.30 -12.85 -8.59
N ASN A 71 22.09 -13.82 -8.14
CA ASN A 71 21.73 -15.23 -8.28
C ASN A 71 21.57 -15.89 -6.91
N TYR A 72 20.49 -16.65 -6.75
CA TYR A 72 20.20 -17.32 -5.48
C TYR A 72 20.08 -18.81 -5.74
N GLU A 73 20.76 -19.65 -4.96
CA GLU A 73 20.64 -21.09 -5.20
C GLU A 73 20.43 -21.83 -3.89
N LYS A 74 19.55 -22.82 -3.91
CA LYS A 74 19.19 -23.58 -2.72
C LYS A 74 19.02 -25.03 -3.13
N ALA A 75 19.52 -25.94 -2.29
CA ALA A 75 19.25 -27.37 -2.48
C ALA A 75 17.94 -27.70 -1.79
N LEU A 76 16.99 -28.22 -2.54
CA LEU A 76 15.69 -28.59 -1.99
C LEU A 76 15.50 -30.11 -2.00
N TYR A 77 15.38 -30.72 -0.81
CA TYR A 77 15.06 -32.16 -0.72
C TYR A 77 13.63 -32.46 -1.13
N ILE A 78 13.47 -33.22 -2.21
CA ILE A 78 12.14 -33.60 -2.65
C ILE A 78 11.78 -34.94 -1.98
N ARG A 79 10.88 -34.88 -1.01
CA ARG A 79 10.57 -36.06 -0.20
C ARG A 79 9.92 -37.15 -1.04
N PRO A 80 10.32 -38.41 -0.81
CA PRO A 80 9.73 -39.52 -1.59
C PRO A 80 8.21 -39.53 -1.48
N GLU A 81 7.66 -39.14 -0.34
CA GLU A 81 6.20 -39.19 -0.16
C GLU A 81 5.47 -38.05 -0.86
N TRP A 82 6.18 -37.20 -1.59
CA TRP A 82 5.51 -36.16 -2.36
C TRP A 82 5.22 -36.68 -3.75
N LYS A 83 5.79 -37.85 -4.07
CA LYS A 83 5.52 -38.46 -5.37
C LYS A 83 4.02 -38.78 -5.46
N GLY A 84 3.38 -38.38 -6.56
CA GLY A 84 1.94 -38.50 -6.67
C GLY A 84 1.17 -37.23 -6.34
N LYS A 85 1.86 -36.30 -5.70
CA LYS A 85 1.30 -34.97 -5.42
C LYS A 85 1.68 -34.01 -6.54
N ARG A 86 1.15 -32.80 -6.52
CA ARG A 86 1.63 -31.77 -7.43
C ARG A 86 2.42 -30.75 -6.64
N LEU A 87 3.52 -30.26 -7.22
CA LEU A 87 4.47 -29.36 -6.55
C LEU A 87 4.59 -28.05 -7.31
N PHE A 88 4.56 -26.92 -6.60
CA PHE A 88 4.63 -25.60 -7.21
C PHE A 88 5.58 -24.72 -6.43
N LEU A 89 6.38 -23.93 -7.14
CA LEU A 89 7.15 -22.88 -6.49
C LEU A 89 6.41 -21.58 -6.70
N ARG A 90 5.97 -20.96 -5.62
CA ARG A 90 5.25 -19.70 -5.74
C ARG A 90 6.11 -18.58 -5.17
N PHE A 91 6.27 -17.52 -5.95
CA PHE A 91 7.03 -16.35 -5.54
C PHE A 91 6.11 -15.19 -5.27
N ASP A 92 6.20 -14.59 -4.07
CA ASP A 92 5.34 -13.43 -3.76
C ASP A 92 5.84 -12.14 -4.45
N GLY A 93 7.11 -12.10 -4.82
CA GLY A 93 7.66 -10.91 -5.47
C GLY A 93 9.17 -10.97 -5.68
N VAL A 94 9.61 -10.69 -6.91
CA VAL A 94 11.03 -10.64 -7.28
C VAL A 94 11.21 -9.45 -8.23
N ASN A 95 12.03 -8.48 -7.84
CA ASN A 95 12.18 -7.26 -8.64
C ASN A 95 13.49 -7.30 -9.48
N SER A 96 13.43 -7.16 -10.81
CA SER A 96 12.16 -7.07 -11.55
C SER A 96 11.92 -8.23 -12.53
N ILE A 97 12.98 -8.93 -12.91
CA ILE A 97 12.85 -10.10 -13.77
C ILE A 97 13.41 -11.30 -13.01
N ALA A 98 12.72 -12.43 -13.08
CA ALA A 98 13.19 -13.64 -12.43
C ALA A 98 13.24 -14.74 -13.47
N ASP A 99 14.38 -15.41 -13.58
CA ASP A 99 14.48 -16.64 -14.36
C ASP A 99 14.75 -17.78 -13.39
N VAL A 100 13.94 -18.82 -13.48
CA VAL A 100 13.97 -19.88 -12.47
C VAL A 100 14.46 -21.14 -13.16
N PHE A 101 15.32 -21.86 -12.46
CA PHE A 101 15.93 -23.10 -12.97
C PHE A 101 15.79 -24.22 -11.94
N ILE A 102 15.49 -25.43 -12.41
CA ILE A 102 15.44 -26.61 -11.54
C ILE A 102 16.51 -27.57 -12.05
N ASN A 103 17.44 -27.96 -11.18
CA ASN A 103 18.64 -28.72 -11.59
C ASN A 103 19.34 -28.04 -12.77
N ARG A 104 19.38 -26.71 -12.69
CA ARG A 104 20.05 -25.80 -13.66
C ARG A 104 19.42 -25.82 -15.05
N LYS A 105 18.23 -26.42 -15.19
CA LYS A 105 17.48 -26.32 -16.44
C LYS A 105 16.41 -25.23 -16.30
N HIS A 106 16.35 -24.33 -17.26
CA HIS A 106 15.36 -23.24 -17.25
C HIS A 106 13.92 -23.75 -17.21
N ILE A 107 13.10 -23.21 -16.30
CA ILE A 107 11.69 -23.61 -16.28
C ILE A 107 10.75 -22.47 -16.59
N GLY A 108 11.22 -21.25 -16.44
CA GLY A 108 10.38 -20.11 -16.78
C GLY A 108 10.94 -18.77 -16.38
N GLU A 109 10.22 -17.74 -16.81
CA GLU A 109 10.62 -16.35 -16.60
C GLU A 109 9.43 -15.57 -16.10
N HIS A 110 9.65 -14.62 -15.19
CA HIS A 110 8.59 -13.65 -14.87
C HIS A 110 9.10 -12.23 -15.08
N ARG A 111 8.30 -11.37 -15.73
CA ARG A 111 8.69 -9.98 -15.97
C ARG A 111 7.74 -9.02 -15.23
N GLY A 112 8.24 -8.37 -14.19
CA GLY A 112 7.42 -7.51 -13.35
C GLY A 112 7.82 -7.67 -11.90
N GLY A 113 8.01 -6.56 -11.21
CA GLY A 113 8.63 -6.63 -9.91
C GLY A 113 7.71 -6.73 -8.73
N TYR A 114 6.39 -6.73 -8.93
CA TYR A 114 5.49 -6.53 -7.81
C TYR A 114 4.34 -7.54 -7.72
N GLY A 115 4.15 -8.33 -8.78
CA GLY A 115 3.08 -9.34 -8.80
C GLY A 115 3.67 -10.70 -8.45
N ALA A 116 2.86 -11.57 -7.88
CA ALA A 116 3.27 -12.93 -7.57
C ALA A 116 3.39 -13.74 -8.86
N PHE A 117 4.10 -14.86 -8.80
CA PHE A 117 4.14 -15.75 -9.97
C PHE A 117 4.45 -17.17 -9.49
N ILE A 118 4.17 -18.15 -10.35
CA ILE A 118 4.22 -19.54 -9.93
C ILE A 118 4.64 -20.43 -11.09
N PHE A 119 5.38 -21.50 -10.77
CA PHE A 119 5.72 -22.53 -11.74
C PHE A 119 5.45 -23.89 -11.14
N GLU A 120 4.84 -24.79 -11.89
CA GLU A 120 4.70 -26.17 -11.41
C GLU A 120 5.99 -26.93 -11.70
N ILE A 121 6.46 -27.72 -10.73
CA ILE A 121 7.74 -28.43 -10.89
C ILE A 121 7.56 -29.93 -10.68
N THR A 122 6.31 -30.35 -10.55
CA THR A 122 5.90 -31.76 -10.42
C THR A 122 6.71 -32.76 -11.25
N ASP A 123 6.87 -32.49 -12.53
CA ASP A 123 7.52 -33.44 -13.42
C ASP A 123 8.94 -33.02 -13.77
N LEU A 124 9.45 -32.03 -13.05
CA LEU A 124 10.80 -31.53 -13.30
C LEU A 124 11.79 -31.97 -12.24
N VAL A 125 11.32 -32.60 -11.18
CA VAL A 125 12.23 -32.93 -10.08
C VAL A 125 12.52 -34.43 -9.98
N LYS A 126 13.62 -34.75 -9.31
CA LYS A 126 13.94 -36.13 -8.95
C LYS A 126 13.50 -36.39 -7.53
N TYR A 127 12.55 -37.29 -7.35
CA TYR A 127 12.01 -37.56 -6.02
C TYR A 127 12.99 -38.39 -5.19
N GLY A 128 13.06 -38.06 -3.90
CA GLY A 128 13.97 -38.75 -3.00
C GLY A 128 15.40 -38.23 -3.02
N GLU A 129 15.65 -37.08 -3.65
CA GLU A 129 16.96 -36.50 -3.53
C GLU A 129 16.91 -34.97 -3.51
N LYS A 130 18.07 -34.37 -3.26
CA LYS A 130 18.22 -32.93 -3.35
C LYS A 130 18.18 -32.48 -4.81
N ASN A 131 17.34 -31.49 -5.06
CA ASN A 131 17.27 -30.83 -6.36
C ASN A 131 17.67 -29.37 -6.20
N SER A 132 18.41 -28.86 -7.18
CA SER A 132 18.83 -27.48 -7.15
C SER A 132 17.71 -26.53 -7.57
N VAL A 133 17.45 -25.52 -6.77
CA VAL A 133 16.60 -24.43 -7.20
C VAL A 133 17.46 -23.19 -7.41
N LEU A 134 17.46 -22.65 -8.63
CA LEU A 134 18.27 -21.45 -8.92
C LEU A 134 17.36 -20.33 -9.40
N VAL A 135 17.49 -19.15 -8.80
CA VAL A 135 16.71 -17.99 -9.24
C VAL A 135 17.68 -16.91 -9.67
N ARG A 136 17.56 -16.47 -10.91
CA ARG A 136 18.43 -15.42 -11.38
C ARG A 136 17.55 -14.18 -11.52
N ALA A 137 17.76 -13.24 -10.59
CA ALA A 137 16.92 -12.05 -10.47
C ALA A 137 17.65 -10.89 -11.13
N ASN A 138 16.92 -10.04 -11.85
CA ASN A 138 17.52 -8.92 -12.56
C ASN A 138 16.73 -7.65 -12.28
N ASN A 139 17.36 -6.63 -11.71
CA ASN A 139 16.65 -5.33 -11.58
C ASN A 139 17.34 -4.29 -12.47
N GLY A 140 18.05 -4.75 -13.49
CA GLY A 140 18.66 -3.82 -14.44
C GLY A 140 17.57 -3.02 -15.13
N GLU A 141 17.95 -1.83 -15.61
CA GLU A 141 17.04 -1.01 -16.38
C GLU A 141 16.47 -1.74 -17.59
N GLN A 142 15.17 -1.53 -17.84
CA GLN A 142 14.51 -2.05 -19.03
C GLN A 142 13.62 -0.94 -19.56
N LEU A 143 13.27 -0.97 -20.84
CA LEU A 143 12.22 -0.09 -21.36
C LEU A 143 10.95 -0.87 -21.70
N ASP A 144 10.83 -2.10 -21.22
CA ASP A 144 9.63 -2.86 -21.53
C ASP A 144 8.96 -3.42 -20.28
N ILE A 145 9.34 -2.88 -19.11
CA ILE A 145 8.71 -3.30 -17.85
C ILE A 145 8.46 -2.10 -16.94
N MET A 146 7.22 -1.64 -16.82
CA MET A 146 6.89 -0.58 -15.87
C MET A 146 7.26 -1.07 -14.47
N PRO A 147 7.68 -0.16 -13.57
CA PRO A 147 7.82 1.29 -13.77
C PRO A 147 9.14 1.63 -14.46
N LEU A 148 9.11 2.55 -15.43
CA LEU A 148 10.33 2.92 -16.13
C LEU A 148 11.12 4.01 -15.39
N VAL A 149 10.39 4.82 -14.63
CA VAL A 149 10.93 5.96 -13.90
C VAL A 149 10.19 6.03 -12.57
N GLY A 150 10.60 6.91 -11.68
CA GLY A 150 9.83 7.11 -10.46
C GLY A 150 10.67 7.63 -9.33
N ASP A 151 10.04 8.33 -8.39
CA ASP A 151 10.75 8.95 -7.28
C ASP A 151 10.90 7.96 -6.14
N PHE A 152 11.46 6.78 -6.43
CA PHE A 152 11.67 5.74 -5.43
C PHE A 152 12.73 4.77 -5.93
N ASN A 153 13.13 3.85 -5.06
CA ASN A 153 14.20 2.90 -5.41
C ASN A 153 13.68 1.61 -6.02
N PHE A 154 14.36 1.14 -7.07
CA PHE A 154 13.98 -0.11 -7.70
C PHE A 154 14.81 -1.25 -7.07
N TYR A 155 14.53 -1.52 -5.81
CA TYR A 155 15.34 -2.46 -5.02
C TYR A 155 15.34 -3.85 -5.66
N GLY A 156 16.51 -4.42 -5.89
CA GLY A 156 16.53 -5.69 -6.61
C GLY A 156 16.48 -6.91 -5.72
N GLY A 157 15.88 -7.98 -6.21
CA GLY A 157 16.03 -9.27 -5.57
C GLY A 157 14.73 -9.95 -5.16
N ILE A 158 14.86 -11.04 -4.42
CA ILE A 158 13.71 -11.81 -3.96
C ILE A 158 13.29 -11.22 -2.61
N TYR A 159 12.52 -10.13 -2.67
CA TYR A 159 12.29 -9.27 -1.49
C TYR A 159 10.98 -9.62 -0.81
N ARG A 160 10.28 -10.64 -1.33
CA ARG A 160 9.16 -11.29 -0.64
C ARG A 160 9.33 -12.82 -0.54
N ASP A 161 8.42 -13.48 0.18
CA ASP A 161 8.52 -14.91 0.48
C ASP A 161 8.54 -15.79 -0.76
N VAL A 162 9.16 -16.96 -0.61
CA VAL A 162 9.09 -18.03 -1.61
C VAL A 162 8.45 -19.23 -0.93
N HIS A 163 7.51 -19.89 -1.60
CA HIS A 163 6.80 -21.04 -1.05
C HIS A 163 6.90 -22.25 -1.94
N LEU A 164 6.98 -23.42 -1.31
CA LEU A 164 6.73 -24.66 -2.03
C LEU A 164 5.32 -25.06 -1.70
N LEU A 165 4.46 -25.13 -2.71
CA LEU A 165 3.08 -25.53 -2.51
CA LEU A 165 3.06 -25.54 -2.52
C LEU A 165 2.87 -27.00 -2.91
N ILE A 166 2.17 -27.76 -2.09
CA ILE A 166 1.97 -29.18 -2.38
C ILE A 166 0.48 -29.49 -2.34
N THR A 167 -0.05 -30.01 -3.44
CA THR A 167 -1.47 -30.26 -3.54
C THR A 167 -1.74 -31.65 -4.10
N ASP A 168 -3.00 -32.05 -3.99
CA ASP A 168 -3.51 -33.23 -4.68
C ASP A 168 -3.35 -33.07 -6.19
N GLU A 169 -3.35 -34.17 -6.93
CA GLU A 169 -3.27 -34.06 -8.39
C GLU A 169 -4.52 -33.43 -8.99
N THR A 170 -5.63 -33.45 -8.22
CA THR A 170 -6.84 -32.71 -8.57
C THR A 170 -7.02 -31.61 -7.57
N CYS A 171 -6.93 -30.35 -8.01
CA CYS A 171 -6.82 -29.26 -7.03
C CYS A 171 -7.57 -27.99 -7.45
N ILE A 172 -7.82 -27.11 -6.50
CA ILE A 172 -8.23 -25.75 -6.82
C ILE A 172 -6.97 -25.08 -7.37
N SER A 173 -7.04 -24.65 -8.63
CA SER A 173 -5.81 -24.32 -9.34
C SER A 173 -5.10 -23.10 -8.77
N PRO A 174 -3.79 -23.25 -8.52
CA PRO A 174 -2.95 -22.09 -8.17
C PRO A 174 -2.33 -21.45 -9.42
N LEU A 175 -2.71 -21.89 -10.62
CA LEU A 175 -2.01 -21.49 -11.85
C LEU A 175 -2.61 -20.32 -12.62
N ASP A 176 -3.61 -19.64 -12.04
CA ASP A 176 -4.26 -18.53 -12.74
C ASP A 176 -3.62 -17.22 -12.29
N TYR A 177 -2.53 -16.82 -12.95
CA TYR A 177 -1.78 -15.63 -12.55
C TYR A 177 -1.39 -15.71 -11.06
N ALA A 178 -1.09 -16.92 -10.61
CA ALA A 178 -0.63 -17.16 -9.25
C ALA A 178 -1.62 -16.65 -8.21
N SER A 179 -2.91 -16.59 -8.57
CA SER A 179 -3.93 -16.17 -7.64
C SER A 179 -4.33 -17.35 -6.75
N PRO A 180 -5.16 -17.12 -5.72
CA PRO A 180 -5.69 -18.27 -4.97
C PRO A 180 -6.61 -19.21 -5.81
N GLY A 181 -7.05 -18.76 -7.00
CA GLY A 181 -7.82 -19.62 -7.88
C GLY A 181 -9.32 -19.53 -7.61
N VAL A 182 -9.71 -18.57 -6.78
CA VAL A 182 -11.11 -18.38 -6.39
C VAL A 182 -11.42 -16.88 -6.47
N TYR A 183 -12.47 -16.51 -7.18
CA TYR A 183 -12.88 -15.11 -7.30
C TYR A 183 -14.30 -15.00 -6.76
N LEU A 184 -14.50 -14.29 -5.64
CA LEU A 184 -15.84 -14.15 -5.06
C LEU A 184 -16.45 -12.88 -5.60
N VAL A 185 -17.16 -13.01 -6.71
CA VAL A 185 -17.64 -11.86 -7.44
C VAL A 185 -18.89 -11.28 -6.77
N GLN A 186 -18.74 -10.09 -6.24
CA GLN A 186 -19.82 -9.34 -5.66
C GLN A 186 -20.76 -8.65 -6.67
N GLU A 187 -21.77 -9.41 -7.09
CA GLU A 187 -22.68 -8.96 -8.14
C GLU A 187 -23.68 -7.89 -7.66
N VAL A 188 -24.34 -8.18 -6.55
CA VAL A 188 -25.31 -7.26 -5.94
C VAL A 188 -25.17 -7.36 -4.43
N VAL A 189 -25.06 -6.22 -3.76
CA VAL A 189 -24.94 -6.23 -2.31
C VAL A 189 -25.84 -5.16 -1.76
N SER A 190 -26.65 -5.51 -0.75
CA SER A 190 -27.46 -4.51 -0.04
C SER A 190 -27.74 -5.07 1.34
N PRO A 191 -28.30 -4.25 2.24
CA PRO A 191 -28.61 -4.85 3.53
C PRO A 191 -29.68 -5.95 3.46
N GLN A 192 -30.44 -6.03 2.36
CA GLN A 192 -31.49 -7.05 2.27
C GLN A 192 -30.91 -8.41 1.83
N GLU A 193 -29.97 -8.35 0.89
CA GLU A 193 -29.34 -9.57 0.37
C GLU A 193 -28.10 -9.27 -0.45
N ALA A 194 -27.25 -10.29 -0.56
CA ALA A 194 -26.07 -10.21 -1.40
C ALA A 194 -26.05 -11.43 -2.31
N LYS A 195 -25.80 -11.19 -3.59
CA LYS A 195 -25.62 -12.24 -4.56
C LYS A 195 -24.15 -12.27 -4.97
N VAL A 196 -23.55 -13.42 -4.80
CA VAL A 196 -22.14 -13.60 -5.08
C VAL A 196 -22.02 -14.78 -6.04
N CYS A 197 -21.10 -14.64 -6.99
CA CYS A 197 -20.75 -15.73 -7.89
C CYS A 197 -19.36 -16.24 -7.49
N ALA A 198 -19.30 -17.42 -6.90
CA ALA A 198 -17.99 -18.00 -6.56
C ALA A 198 -17.39 -18.64 -7.80
N LYS A 199 -16.42 -17.96 -8.40
CA LYS A 199 -15.73 -18.50 -9.57
C LYS A 199 -14.51 -19.30 -9.08
N VAL A 200 -14.42 -20.56 -9.47
CA VAL A 200 -13.40 -21.46 -8.95
C VAL A 200 -12.63 -22.15 -10.08
N ASN A 201 -11.32 -21.94 -10.14
CA ASN A 201 -10.51 -22.62 -11.14
C ASN A 201 -10.11 -24.01 -10.65
N LEU A 202 -10.35 -25.02 -11.47
CA LEU A 202 -9.99 -26.38 -11.11
C LEU A 202 -8.93 -26.91 -12.07
N SER A 203 -7.95 -27.63 -11.53
CA SER A 203 -6.89 -28.19 -12.37
C SER A 203 -6.80 -29.68 -12.09
N ASN A 204 -6.87 -30.50 -13.14
CA ASN A 204 -6.83 -31.95 -12.93
C ASN A 204 -5.72 -32.67 -13.66
N ARG A 205 -4.95 -33.49 -12.93
CA ARG A 205 -3.95 -34.36 -13.56
C ARG A 205 -4.20 -35.83 -13.20
N ALA A 206 -5.30 -36.10 -12.50
CA ALA A 206 -5.69 -37.48 -12.22
C ALA A 206 -6.35 -38.10 -13.45
N ALA A 207 -6.49 -39.44 -13.44
CA ALA A 207 -7.25 -40.12 -14.48
C ALA A 207 -8.68 -39.56 -14.55
N ASP A 208 -9.24 -39.50 -15.77
CA ASP A 208 -10.63 -39.07 -16.01
C ASP A 208 -11.59 -39.57 -14.95
N GLY A 209 -12.44 -38.67 -14.46
CA GLY A 209 -13.38 -39.04 -13.41
C GLY A 209 -14.08 -37.81 -12.86
N THR A 210 -14.48 -37.90 -11.59
CA THR A 210 -15.25 -36.83 -10.98
C THR A 210 -14.74 -36.43 -9.60
N ALA A 211 -15.22 -35.28 -9.14
CA ALA A 211 -14.96 -34.84 -7.78
C ALA A 211 -16.14 -33.98 -7.36
N GLU A 212 -16.29 -33.76 -6.05
CA GLU A 212 -17.34 -32.88 -5.59
C GLU A 212 -16.73 -31.56 -5.12
N LEU A 213 -17.20 -30.46 -5.70
CA LEU A 213 -16.78 -29.12 -5.31
C LEU A 213 -17.75 -28.53 -4.29
N GLN A 214 -17.23 -28.07 -3.15
CA GLN A 214 -18.03 -27.44 -2.10
C GLN A 214 -17.56 -26.02 -1.77
N VAL A 215 -18.51 -25.08 -1.68
CA VAL A 215 -18.21 -23.72 -1.26
C VAL A 215 -18.98 -23.43 0.01
N LEU A 216 -18.26 -23.21 1.10
CA LEU A 216 -18.87 -23.06 2.42
C LEU A 216 -18.61 -21.67 3.00
N VAL A 217 -19.68 -20.95 3.31
CA VAL A 217 -19.53 -19.62 3.88
C VAL A 217 -19.93 -19.67 5.33
N THR A 218 -19.07 -19.15 6.19
CA THR A 218 -19.31 -19.21 7.62
C THR A 218 -19.05 -17.89 8.29
N ASP A 219 -19.65 -17.75 9.46
CA ASP A 219 -19.37 -16.68 10.39
C ASP A 219 -19.00 -17.31 11.73
N GLY A 220 -17.71 -17.44 12.01
CA GLY A 220 -17.27 -18.26 13.12
C GLY A 220 -17.77 -19.69 12.90
N THR A 221 -18.51 -20.22 13.88
CA THR A 221 -18.99 -21.58 13.81
C THR A 221 -20.33 -21.68 13.06
N LYS A 222 -20.95 -20.54 12.79
CA LYS A 222 -22.25 -20.55 12.13
C LYS A 222 -22.11 -20.72 10.59
N VAL A 223 -22.90 -21.63 10.03
CA VAL A 223 -22.91 -21.85 8.56
C VAL A 223 -23.90 -20.90 7.89
N ILE A 224 -23.42 -20.13 6.92
CA ILE A 224 -24.25 -19.15 6.22
C ILE A 224 -24.69 -19.67 4.84
N CYS A 225 -23.73 -20.24 4.11
CA CYS A 225 -23.97 -20.89 2.81
C CYS A 225 -23.25 -22.20 2.74
N LYS A 226 -23.86 -23.16 2.07
CA LYS A 226 -23.14 -24.35 1.70
C LYS A 226 -23.68 -24.78 0.34
N GLU A 227 -22.86 -24.59 -0.69
CA GLU A 227 -23.25 -24.96 -2.05
C GLU A 227 -22.29 -26.03 -2.56
N SER A 228 -22.83 -27.01 -3.28
CA SER A 228 -22.03 -28.14 -3.73
C SER A 228 -22.30 -28.41 -5.19
N ARG A 229 -21.31 -28.98 -5.88
CA ARG A 229 -21.51 -29.37 -7.27
C ARG A 229 -20.61 -30.54 -7.62
N ASN A 230 -21.18 -31.55 -8.28
CA ASN A 230 -20.36 -32.62 -8.83
C ASN A 230 -19.77 -32.22 -10.17
N VAL A 231 -18.47 -32.44 -10.35
CA VAL A 231 -17.80 -31.96 -11.55
C VAL A 231 -17.09 -33.11 -12.24
N SER A 232 -17.15 -33.15 -13.57
CA SER A 232 -16.42 -34.17 -14.33
C SER A 232 -15.16 -33.56 -14.91
N LEU A 233 -14.01 -34.10 -14.54
CA LEU A 233 -12.75 -33.51 -14.94
C LEU A 233 -11.95 -34.47 -15.82
N LYS A 234 -11.79 -34.13 -17.09
CA LYS A 234 -10.89 -34.87 -17.98
C LYS A 234 -9.45 -34.80 -17.47
N GLN A 235 -8.62 -35.78 -17.83
CA GLN A 235 -7.19 -35.66 -17.60
C GLN A 235 -6.70 -34.39 -18.27
N GLY A 236 -5.91 -33.61 -17.54
CA GLY A 236 -5.34 -32.41 -18.12
C GLY A 236 -6.27 -31.21 -18.14
N ALA A 237 -7.44 -31.36 -17.53
CA ALA A 237 -8.42 -30.28 -17.54
C ALA A 237 -7.97 -29.09 -16.69
N ASP A 238 -8.17 -27.89 -17.21
CA ASP A 238 -8.00 -26.66 -16.43
C ASP A 238 -9.24 -25.79 -16.70
N ILE A 239 -10.21 -25.83 -15.81
CA ILE A 239 -11.51 -25.26 -16.12
C ILE A 239 -12.02 -24.37 -15.03
N LEU A 240 -13.04 -23.58 -15.37
CA LEU A 240 -13.66 -22.64 -14.45
C LEU A 240 -15.08 -23.07 -14.08
N GLU A 241 -15.33 -23.26 -12.79
CA GLU A 241 -16.67 -23.56 -12.29
C GLU A 241 -17.25 -22.31 -11.63
N GLN A 242 -18.56 -22.07 -11.81
CA GLN A 242 -19.20 -20.90 -11.23
C GLN A 242 -20.38 -21.33 -10.36
N LEU A 243 -20.30 -21.03 -9.06
CA LEU A 243 -21.34 -21.43 -8.11
C LEU A 243 -22.00 -20.19 -7.53
N PRO A 244 -23.30 -20.02 -7.75
CA PRO A 244 -23.98 -18.85 -7.21
C PRO A 244 -24.21 -18.99 -5.71
N LEU A 245 -24.00 -17.90 -4.98
CA LEU A 245 -24.25 -17.85 -3.55
C LEU A 245 -25.32 -16.79 -3.31
N LEU A 246 -26.21 -17.03 -2.35
CA LEU A 246 -27.15 -16.01 -1.94
C LEU A 246 -27.11 -15.89 -0.42
N ILE A 247 -26.84 -14.68 0.07
CA ILE A 247 -26.80 -14.45 1.50
C ILE A 247 -27.90 -13.46 1.84
N GLN A 248 -28.84 -13.91 2.67
CA GLN A 248 -29.97 -13.09 3.13
C GLN A 248 -29.54 -12.21 4.31
N LYS A 249 -29.94 -10.93 4.29
CA LYS A 249 -29.65 -9.99 5.39
C LYS A 249 -28.17 -10.04 5.85
N PRO A 250 -27.23 -9.78 4.92
CA PRO A 250 -25.82 -9.93 5.26
C PRO A 250 -25.31 -8.89 6.23
N ARG A 251 -24.31 -9.27 7.00
CA ARG A 251 -23.51 -8.32 7.78
C ARG A 251 -22.41 -7.78 6.86
N LEU A 252 -22.42 -6.46 6.64
CA LEU A 252 -21.53 -5.86 5.64
C LEU A 252 -20.18 -5.46 6.22
N TRP A 253 -19.14 -5.55 5.39
CA TRP A 253 -17.86 -4.97 5.71
C TRP A 253 -18.03 -3.45 5.62
N ASN A 254 -17.90 -2.77 6.75
CA ASN A 254 -18.29 -1.36 6.80
C ASN A 254 -17.16 -0.44 7.24
N GLY A 255 -15.97 -0.63 6.68
CA GLY A 255 -14.84 0.20 7.06
C GLY A 255 -14.49 -0.01 8.53
N CYS A 256 -13.93 1.01 9.17
CA CYS A 256 -13.45 0.88 10.53
C CYS A 256 -14.60 0.69 11.52
N GLU A 257 -15.80 1.13 11.15
CA GLU A 257 -16.99 0.96 12.00
C GLU A 257 -17.31 -0.49 12.29
N ASP A 258 -17.10 -1.36 11.30
CA ASP A 258 -17.38 -2.79 11.45
C ASP A 258 -16.75 -3.54 10.27
N PRO A 259 -15.46 -3.86 10.36
CA PRO A 259 -14.75 -4.50 9.24
C PRO A 259 -15.07 -5.97 9.14
N PHE A 260 -16.37 -6.28 9.08
CA PHE A 260 -16.77 -7.68 9.23
C PHE A 260 -16.52 -8.46 7.96
N MET A 261 -15.96 -9.67 8.09
CA MET A 261 -15.80 -10.61 6.97
C MET A 261 -16.30 -12.01 7.30
N TYR A 262 -16.96 -12.63 6.33
CA TYR A 262 -17.26 -14.05 6.41
C TYR A 262 -16.01 -14.82 6.00
N GLN A 263 -15.94 -16.09 6.36
CA GLN A 263 -14.88 -16.91 5.80
C GLN A 263 -15.47 -17.91 4.82
N VAL A 264 -14.76 -18.10 3.71
CA VAL A 264 -15.20 -19.01 2.69
C VAL A 264 -14.18 -20.13 2.60
N SER A 265 -14.65 -21.37 2.73
CA SER A 265 -13.82 -22.54 2.44
C SER A 265 -14.25 -23.14 1.13
N ILE A 266 -13.28 -23.34 0.24
CA ILE A 266 -13.56 -23.93 -1.05
C ILE A 266 -12.84 -25.26 -1.07
N SER A 267 -13.56 -26.36 -1.23
CA SER A 267 -12.93 -27.65 -1.08
C SER A 267 -13.32 -28.66 -2.15
N LEU A 268 -12.44 -29.62 -2.38
CA LEU A 268 -12.66 -30.71 -3.32
C LEU A 268 -12.70 -32.00 -2.53
N HIS A 269 -13.60 -32.90 -2.93
CA HIS A 269 -13.83 -34.14 -2.21
C HIS A 269 -13.90 -35.28 -3.22
N LYS A 270 -13.31 -36.42 -2.84
CA LYS A 270 -13.44 -37.65 -3.62
C LYS A 270 -13.76 -38.79 -2.67
N ASP A 271 -14.85 -39.50 -2.95
CA ASP A 271 -15.36 -40.59 -2.10
C ASP A 271 -15.48 -40.21 -0.63
N GLY A 272 -16.14 -39.09 -0.37
CA GLY A 272 -16.35 -38.62 1.00
C GLY A 272 -15.08 -38.23 1.71
N LYS A 273 -13.98 -38.12 0.96
CA LYS A 273 -12.72 -37.61 1.50
C LYS A 273 -12.41 -36.22 0.94
N GLN A 274 -12.10 -35.26 1.81
CA GLN A 274 -11.61 -33.97 1.33
C GLN A 274 -10.22 -34.16 0.78
N ILE A 275 -9.95 -33.67 -0.44
CA ILE A 275 -8.63 -33.86 -1.01
C ILE A 275 -7.88 -32.55 -1.21
N ASP A 276 -8.58 -31.42 -1.18
CA ASP A 276 -7.92 -30.11 -1.32
C ASP A 276 -8.81 -29.03 -0.78
N SER A 277 -8.22 -27.91 -0.39
CA SER A 277 -9.03 -26.83 0.16
C SER A 277 -8.27 -25.53 0.13
N VAL A 278 -8.99 -24.42 -0.07
CA VAL A 278 -8.41 -23.09 0.09
C VAL A 278 -9.41 -22.22 0.83
N THR A 279 -8.90 -21.25 1.59
CA THR A 279 -9.81 -20.33 2.26
C THR A 279 -9.59 -18.93 1.74
N GLN A 280 -10.69 -18.17 1.60
CA GLN A 280 -10.64 -16.78 1.19
C GLN A 280 -11.67 -15.99 2.01
N PRO A 281 -11.44 -14.69 2.19
CA PRO A 281 -12.39 -13.87 2.94
C PRO A 281 -13.52 -13.40 2.05
N LEU A 282 -14.68 -13.13 2.64
CA LEU A 282 -15.76 -12.51 1.90
C LEU A 282 -16.24 -11.33 2.73
N GLY A 283 -15.79 -10.13 2.35
CA GLY A 283 -16.24 -8.90 2.99
C GLY A 283 -17.15 -8.18 2.04
N LEU A 284 -18.46 -8.20 2.33
CA LEU A 284 -19.50 -7.71 1.44
C LEU A 284 -19.72 -6.23 1.61
N ARG A 285 -19.67 -5.47 0.52
CA ARG A 285 -20.13 -4.09 0.61
C ARG A 285 -20.47 -3.52 -0.76
N TYR A 286 -21.15 -2.38 -0.73
CA TYR A 286 -21.39 -1.62 -1.95
C TYR A 286 -20.94 -0.17 -1.72
N TYR A 287 -20.74 0.55 -2.80
CA TYR A 287 -20.19 1.90 -2.74
C TYR A 287 -20.53 2.67 -4.00
N HIS A 288 -20.40 3.99 -3.93
CA HIS A 288 -20.33 4.80 -5.14
C HIS A 288 -19.63 6.08 -4.80
N THR A 289 -19.20 6.79 -5.83
CA THR A 289 -18.59 8.09 -5.62
C THR A 289 -19.44 9.15 -6.33
N ASP A 290 -19.88 10.12 -5.57
CA ASP A 290 -20.74 11.21 -6.03
C ASP A 290 -19.89 12.44 -6.35
N PRO A 291 -20.01 13.01 -7.57
CA PRO A 291 -19.18 14.16 -7.97
C PRO A 291 -19.33 15.37 -7.06
N ASP A 292 -20.49 15.50 -6.40
CA ASP A 292 -20.76 16.65 -5.52
C ASP A 292 -20.62 16.35 -4.03
N LYS A 293 -20.81 15.09 -3.63
CA LYS A 293 -20.87 14.76 -2.20
C LYS A 293 -19.80 13.80 -1.71
N GLY A 294 -18.97 13.28 -2.61
CA GLY A 294 -17.86 12.42 -2.22
C GLY A 294 -18.19 10.94 -2.16
N PHE A 295 -17.44 10.20 -1.35
CA PHE A 295 -17.52 8.74 -1.29
C PHE A 295 -18.64 8.26 -0.37
N PHE A 296 -19.38 7.24 -0.81
CA PHE A 296 -20.42 6.60 -0.01
C PHE A 296 -20.14 5.12 0.12
N LEU A 297 -19.98 4.64 1.35
CA LEU A 297 -19.80 3.23 1.60
C LEU A 297 -21.09 2.64 2.19
N ASN A 298 -21.65 1.63 1.55
CA ASN A 298 -22.86 0.98 2.08
C ASN A 298 -23.96 2.03 2.31
N GLY A 299 -24.04 2.97 1.37
CA GLY A 299 -25.16 3.89 1.33
C GLY A 299 -24.98 5.11 2.21
N LYS A 300 -23.86 5.16 2.93
CA LYS A 300 -23.61 6.27 3.86
C LYS A 300 -22.35 7.07 3.52
N HIS A 301 -22.42 8.40 3.58
CA HIS A 301 -21.26 9.24 3.29
C HIS A 301 -20.07 8.88 4.18
N LEU A 302 -18.90 8.78 3.57
CA LEU A 302 -17.68 8.48 4.33
C LEU A 302 -16.53 9.33 3.82
N PRO A 303 -16.13 10.35 4.60
CA PRO A 303 -14.90 11.10 4.33
C PRO A 303 -13.74 10.12 4.30
N LEU A 304 -12.87 10.16 3.28
CA LEU A 304 -11.70 9.28 3.24
C LEU A 304 -10.50 10.07 3.73
N HIS A 305 -10.11 9.78 4.97
CA HIS A 305 -8.98 10.41 5.64
C HIS A 305 -7.76 9.58 5.32
N GLY A 306 -7.08 9.88 4.23
CA GLY A 306 -6.12 8.93 3.71
C GLY A 306 -4.68 9.36 3.81
N VAL A 307 -3.81 8.35 3.71
CA VAL A 307 -2.36 8.55 3.56
C VAL A 307 -1.87 7.60 2.50
N CYS A 308 -0.63 7.81 2.04
CA CYS A 308 0.04 6.88 1.12
C CYS A 308 1.18 6.19 1.87
N ARG A 309 1.61 5.04 1.38
CA ARG A 309 2.68 4.30 2.04
C ARG A 309 3.43 3.52 0.99
N HIS A 310 4.76 3.71 0.93
CA HIS A 310 5.66 2.87 0.12
C HIS A 310 6.07 1.60 0.87
N GLN A 311 6.46 0.55 0.16
CA GLN A 311 6.79 -0.69 0.86
C GLN A 311 8.27 -0.83 1.26
N ASP A 312 8.89 0.25 1.76
CA ASP A 312 10.28 0.10 2.22
C ASP A 312 10.43 0.69 3.63
N ARG A 313 11.63 0.65 4.16
CA ARG A 313 11.89 1.02 5.54
C ARG A 313 13.39 1.23 5.66
N ALA A 314 13.82 2.07 6.60
CA ALA A 314 15.25 2.22 6.88
C ALA A 314 15.96 0.88 7.07
N GLU A 315 17.20 0.82 6.57
CA GLU A 315 18.14 -0.30 6.78
C GLU A 315 17.81 -1.58 6.03
N VAL A 316 16.53 -1.91 5.87
CA VAL A 316 16.19 -3.16 5.15
C VAL A 316 15.69 -2.96 3.73
N GLY A 317 15.44 -1.71 3.33
CA GLY A 317 14.97 -1.46 1.98
C GLY A 317 13.57 -2.01 1.84
N ASN A 318 13.27 -2.75 0.77
CA ASN A 318 11.94 -3.31 0.61
C ASN A 318 11.84 -4.76 1.09
N ALA A 319 12.88 -5.25 1.77
CA ALA A 319 12.85 -6.62 2.32
C ALA A 319 12.10 -6.61 3.64
N LEU A 320 10.81 -6.29 3.59
CA LEU A 320 9.99 -6.12 4.78
C LEU A 320 9.60 -7.48 5.36
N ARG A 321 9.64 -7.55 6.69
CA ARG A 321 9.15 -8.69 7.48
C ARG A 321 7.71 -8.39 7.93
N PRO A 322 6.96 -9.43 8.40
CA PRO A 322 5.55 -9.20 8.75
C PRO A 322 5.36 -8.12 9.83
N GLN A 323 6.22 -8.09 10.82
CA GLN A 323 6.10 -7.07 11.87
C GLN A 323 6.23 -5.64 11.35
N HIS A 324 6.83 -5.47 10.16
CA HIS A 324 6.97 -4.15 9.54
C HIS A 324 5.63 -3.68 8.97
N HIS A 325 4.94 -4.58 8.26
CA HIS A 325 3.57 -4.27 7.80
C HIS A 325 2.68 -3.99 9.00
N GLU A 326 2.80 -4.83 10.04
CA GLU A 326 1.95 -4.70 11.24
C GLU A 326 2.17 -3.37 11.92
N GLU A 327 3.44 -2.99 12.10
CA GLU A 327 3.76 -1.72 12.70
C GLU A 327 3.25 -0.54 11.87
N ASP A 328 3.48 -0.57 10.55
CA ASP A 328 2.99 0.53 9.71
C ASP A 328 1.49 0.70 9.88
N VAL A 329 0.78 -0.40 9.95
CA VAL A 329 -0.67 -0.28 10.09
C VAL A 329 -1.03 0.23 11.48
N ALA A 330 -0.33 -0.23 12.51
CA ALA A 330 -0.58 0.28 13.86
C ALA A 330 -0.41 1.80 13.94
N LEU A 331 0.63 2.32 13.31
CA LEU A 331 0.85 3.78 13.33
C LEU A 331 -0.25 4.51 12.59
N MET A 332 -0.69 3.98 11.47
CA MET A 332 -1.77 4.63 10.71
C MET A 332 -3.07 4.63 11.52
N ARG A 333 -3.42 3.50 12.11
CA ARG A 333 -4.65 3.46 12.92
C ARG A 333 -4.54 4.38 14.13
N GLU A 334 -3.36 4.45 14.75
CA GLU A 334 -3.14 5.38 15.86
C GLU A 334 -3.46 6.81 15.42
N MET A 335 -3.10 7.13 14.19
CA MET A 335 -3.35 8.47 13.66
C MET A 335 -4.79 8.69 13.18
N GLY A 336 -5.61 7.65 13.18
CA GLY A 336 -7.00 7.75 12.71
C GLY A 336 -7.20 7.65 11.19
N VAL A 337 -6.18 7.16 10.50
CA VAL A 337 -6.30 6.85 9.07
C VAL A 337 -7.43 5.89 8.76
N ASN A 338 -8.31 6.22 7.82
CA ASN A 338 -9.34 5.25 7.42
C ASN A 338 -9.31 4.92 5.93
N ALA A 339 -8.27 5.41 5.25
CA ALA A 339 -8.11 5.16 3.82
C ALA A 339 -6.62 5.17 3.47
N ILE A 340 -6.22 4.40 2.46
CA ILE A 340 -4.81 4.35 2.12
C ILE A 340 -4.66 4.19 0.63
N ARG A 341 -3.60 4.80 0.09
CA ARG A 341 -3.22 4.59 -1.29
C ARG A 341 -1.88 3.87 -1.22
N LEU A 342 -1.86 2.62 -1.63
CA LEU A 342 -0.66 1.80 -1.53
C LEU A 342 0.11 2.02 -2.82
N ALA A 343 0.78 3.17 -2.87
CA ALA A 343 1.57 3.60 -4.02
C ALA A 343 2.93 2.91 -4.04
N HIS A 344 3.58 2.76 -5.20
CA HIS A 344 3.10 3.02 -6.55
C HIS A 344 3.02 1.70 -7.31
N TYR A 345 2.51 0.65 -6.69
CA TYR A 345 2.64 -0.71 -7.23
C TYR A 345 1.84 -1.70 -6.40
N PRO A 346 1.54 -2.88 -6.96
CA PRO A 346 0.94 -3.95 -6.14
C PRO A 346 1.79 -4.24 -4.90
N GLN A 347 1.16 -4.27 -3.74
CA GLN A 347 1.91 -4.51 -2.51
C GLN A 347 1.65 -5.92 -1.95
N ALA A 348 2.14 -6.22 -0.76
CA ALA A 348 2.05 -7.60 -0.26
C ALA A 348 0.61 -8.02 0.08
N THR A 349 0.32 -9.30 -0.15
CA THR A 349 -0.96 -9.88 0.26
C THR A 349 -1.22 -9.58 1.72
N TYR A 350 -0.21 -9.78 2.55
CA TYR A 350 -0.40 -9.58 3.99
C TYR A 350 -0.79 -8.12 4.30
N MET A 351 -0.28 -7.17 3.52
CA MET A 351 -0.64 -5.78 3.74
C MET A 351 -2.11 -5.50 3.39
N TYR A 352 -2.59 -6.01 2.25
CA TYR A 352 -4.01 -5.89 1.94
C TYR A 352 -4.86 -6.63 2.99
N ASP A 353 -4.36 -7.75 3.51
CA ASP A 353 -5.05 -8.45 4.59
C ASP A 353 -5.24 -7.55 5.82
N LEU A 354 -4.20 -6.80 6.18
CA LEU A 354 -4.34 -5.93 7.35
C LEU A 354 -5.35 -4.81 7.05
N MET A 355 -5.41 -4.33 5.82
CA MET A 355 -6.40 -3.30 5.46
C MET A 355 -7.80 -3.88 5.61
N ASP A 356 -7.99 -5.12 5.17
CA ASP A 356 -9.28 -5.82 5.32
C ASP A 356 -9.67 -5.89 6.80
N LYS A 357 -8.72 -6.36 7.59
CA LYS A 357 -8.92 -6.57 9.02
C LYS A 357 -9.28 -5.30 9.78
N HIS A 358 -8.64 -4.19 9.41
CA HIS A 358 -8.80 -2.98 10.21
C HIS A 358 -9.79 -2.01 9.59
N GLY A 359 -10.35 -2.38 8.45
CA GLY A 359 -11.40 -1.59 7.83
C GLY A 359 -10.95 -0.38 7.03
N ILE A 360 -9.74 -0.42 6.49
CA ILE A 360 -9.17 0.73 5.78
C ILE A 360 -9.47 0.65 4.29
N VAL A 361 -10.22 1.62 3.79
CA VAL A 361 -10.56 1.68 2.38
C VAL A 361 -9.28 1.93 1.57
N THR A 362 -9.05 1.09 0.57
CA THR A 362 -7.75 1.01 -0.10
C THR A 362 -7.78 1.23 -1.60
N TRP A 363 -6.84 2.04 -2.07
CA TRP A 363 -6.57 2.31 -3.47
C TRP A 363 -5.32 1.45 -3.79
N ALA A 364 -5.44 0.51 -4.71
CA ALA A 364 -4.30 -0.32 -5.10
C ALA A 364 -3.98 0.00 -6.54
N GLU A 365 -2.71 0.01 -6.93
CA GLU A 365 -2.43 0.49 -8.28
C GLU A 365 -1.27 -0.25 -8.96
N ILE A 366 -1.23 -0.18 -10.29
CA ILE A 366 -0.11 -0.74 -11.06
C ILE A 366 1.01 0.29 -11.15
N PRO A 367 2.24 -0.16 -11.45
CA PRO A 367 3.39 0.76 -11.42
C PRO A 367 3.53 1.55 -12.71
N PHE A 368 2.43 2.10 -13.22
CA PHE A 368 2.50 2.84 -14.47
C PHE A 368 2.84 4.30 -14.12
N VAL A 369 4.11 4.54 -13.83
CA VAL A 369 4.56 5.75 -13.15
C VAL A 369 5.30 6.66 -14.13
N GLY A 370 4.92 7.94 -14.18
CA GLY A 370 5.58 8.93 -15.02
C GLY A 370 6.65 9.71 -14.27
N PRO A 371 7.36 10.61 -14.98
CA PRO A 371 8.58 11.24 -14.47
C PRO A 371 8.38 12.37 -13.46
N GLY A 372 7.21 12.99 -13.40
CA GLY A 372 7.06 14.15 -12.50
C GLY A 372 7.96 15.28 -12.98
N GLY A 373 8.74 15.88 -12.09
CA GLY A 373 9.64 16.96 -12.51
C GLY A 373 10.97 16.48 -13.09
N TYR A 374 11.15 15.17 -13.13
CA TYR A 374 12.36 14.55 -13.60
C TYR A 374 12.33 14.16 -15.09
N ALA A 375 13.44 13.62 -15.58
CA ALA A 375 13.58 13.31 -17.00
C ALA A 375 12.97 11.96 -17.41
N ASP A 376 13.01 11.69 -18.71
CA ASP A 376 12.54 10.44 -19.35
C ASP A 376 11.02 10.30 -19.27
N LYS A 377 10.50 9.08 -19.35
CA LYS A 377 9.07 8.87 -19.63
C LYS A 377 8.52 7.66 -18.87
N GLY A 378 7.23 7.70 -18.56
CA GLY A 378 6.62 6.56 -17.90
C GLY A 378 6.11 5.56 -18.91
N PHE A 379 5.91 6.05 -20.14
CA PHE A 379 5.33 5.28 -21.23
C PHE A 379 6.30 5.21 -22.40
N VAL A 380 6.61 4.00 -22.85
CA VAL A 380 7.36 3.81 -24.10
C VAL A 380 6.42 3.03 -25.00
N ASP A 381 6.10 3.59 -26.16
CA ASP A 381 5.07 3.00 -27.03
C ASP A 381 5.61 1.87 -27.90
N GLN A 382 5.78 0.69 -27.32
CA GLN A 382 6.16 -0.53 -28.04
C GLN A 382 5.37 -1.71 -27.48
N ALA A 383 5.07 -2.68 -28.33
CA ALA A 383 4.17 -3.79 -27.95
C ALA A 383 4.64 -4.46 -26.68
N SER A 384 5.94 -4.67 -26.54
CA SER A 384 6.44 -5.44 -25.38
C SER A 384 6.09 -4.73 -24.07
N PHE A 385 6.27 -3.42 -24.05
CA PHE A 385 5.91 -2.62 -22.87
C PHE A 385 4.43 -2.70 -22.62
N ARG A 386 3.65 -2.50 -23.68
CA ARG A 386 2.20 -2.40 -23.52
C ARG A 386 1.62 -3.75 -23.10
N GLU A 387 2.06 -4.84 -23.72
CA GLU A 387 1.56 -6.16 -23.33
C GLU A 387 1.96 -6.48 -21.88
N ASN A 388 3.16 -6.07 -21.48
CA ASN A 388 3.60 -6.37 -20.13
C ASN A 388 2.78 -5.56 -19.08
N GLY A 389 2.45 -4.32 -19.42
CA GLY A 389 1.56 -3.51 -18.59
C GLY A 389 0.21 -4.17 -18.37
N LYS A 390 -0.37 -4.71 -19.45
CA LYS A 390 -1.62 -5.45 -19.30
C LYS A 390 -1.46 -6.67 -18.39
N GLN A 391 -0.37 -7.40 -18.55
CA GLN A 391 -0.10 -8.51 -17.63
C GLN A 391 -0.03 -8.06 -16.16
N GLN A 392 0.67 -6.97 -15.88
CA GLN A 392 0.78 -6.52 -14.49
C GLN A 392 -0.60 -6.10 -13.95
N LEU A 393 -1.45 -5.55 -14.81
CA LEU A 393 -2.80 -5.16 -14.36
C LEU A 393 -3.64 -6.40 -14.05
N ILE A 394 -3.65 -7.37 -14.96
CA ILE A 394 -4.38 -8.64 -14.71
C ILE A 394 -3.87 -9.32 -13.43
N GLU A 395 -2.55 -9.30 -13.23
CA GLU A 395 -1.97 -9.86 -11.98
C GLU A 395 -2.55 -9.18 -10.78
N LEU A 396 -2.51 -7.85 -10.79
CA LEU A 396 -3.02 -7.05 -9.67
C LEU A 396 -4.44 -7.44 -9.32
N ILE A 397 -5.30 -7.43 -10.33
CA ILE A 397 -6.73 -7.65 -10.11
C ILE A 397 -7.02 -9.11 -9.72
N ARG A 398 -6.42 -10.08 -10.39
CA ARG A 398 -6.73 -11.47 -10.06
C ARG A 398 -6.11 -11.90 -8.74
N GLN A 399 -4.90 -11.43 -8.46
CA GLN A 399 -4.21 -11.86 -7.27
C GLN A 399 -4.83 -11.25 -6.02
N HIS A 400 -5.40 -10.07 -6.17
CA HIS A 400 -5.90 -9.39 -4.97
C HIS A 400 -7.43 -9.17 -5.00
N TYR A 401 -8.09 -9.94 -5.83
CA TYR A 401 -9.51 -9.79 -6.10
C TYR A 401 -10.42 -9.78 -4.86
N ASN A 402 -10.11 -10.60 -3.86
CA ASN A 402 -11.10 -10.85 -2.79
C ASN A 402 -10.94 -9.93 -1.60
N HIS A 403 -9.99 -9.01 -1.66
CA HIS A 403 -9.81 -8.11 -0.50
C HIS A 403 -10.91 -7.06 -0.46
N PRO A 404 -11.77 -7.11 0.55
CA PRO A 404 -12.79 -6.10 0.63
C PRO A 404 -12.21 -4.69 0.78
N SER A 405 -11.07 -4.54 1.43
CA SER A 405 -10.54 -3.20 1.57
C SER A 405 -10.30 -2.51 0.23
N ILE A 406 -9.95 -3.25 -0.81
CA ILE A 406 -9.66 -2.59 -2.07
C ILE A 406 -10.96 -2.10 -2.70
N CYS A 407 -11.09 -0.79 -2.84
CA CYS A 407 -12.28 -0.18 -3.43
C CYS A 407 -12.00 0.61 -4.68
N PHE A 408 -10.73 0.72 -5.07
CA PHE A 408 -10.37 1.39 -6.32
C PHE A 408 -9.14 0.75 -6.96
N TRP A 409 -9.14 0.62 -8.28
CA TRP A 409 -7.94 0.15 -9.00
C TRP A 409 -7.27 1.33 -9.69
N GLY A 410 -6.04 1.66 -9.31
CA GLY A 410 -5.35 2.80 -9.90
C GLY A 410 -4.55 2.41 -11.14
N LEU A 411 -4.68 3.18 -12.22
CA LEU A 411 -4.09 2.79 -13.50
C LEU A 411 -2.79 3.53 -13.85
N PHE A 412 -2.57 4.69 -13.27
CA PHE A 412 -1.30 5.41 -13.51
C PHE A 412 -1.02 6.50 -12.50
N ASN A 413 0.20 7.01 -12.54
CA ASN A 413 0.62 8.10 -11.69
C ASN A 413 1.53 9.06 -12.47
N GLU A 414 1.02 10.25 -12.76
CA GLU A 414 1.81 11.33 -13.40
C GLU A 414 2.39 10.99 -14.79
N LEU A 415 1.60 10.34 -15.63
CA LEU A 415 1.97 10.19 -17.03
C LEU A 415 1.81 11.54 -17.73
N LYS A 416 2.46 11.71 -18.87
CA LYS A 416 2.24 12.94 -19.62
C LYS A 416 2.14 12.66 -21.11
N GLU A 417 1.47 13.55 -21.84
CA GLU A 417 1.19 13.30 -23.26
C GLU A 417 2.37 13.58 -24.22
N VAL A 418 3.32 14.41 -23.81
CA VAL A 418 4.40 14.79 -24.73
C VAL A 418 5.27 13.59 -25.12
N GLY A 419 5.70 13.54 -26.40
CA GLY A 419 6.38 12.37 -26.92
C GLY A 419 5.42 11.19 -27.13
N ASP A 420 5.79 10.01 -26.64
CA ASP A 420 4.90 8.86 -26.71
C ASP A 420 3.65 9.19 -25.89
N ASN A 421 2.50 9.27 -26.54
CA ASN A 421 1.28 9.69 -25.83
C ASN A 421 0.47 8.48 -25.32
N PRO A 422 0.40 8.32 -23.98
CA PRO A 422 -0.24 7.13 -23.38
C PRO A 422 -1.78 7.16 -23.31
N VAL A 423 -2.44 8.22 -23.76
CA VAL A 423 -3.90 8.29 -23.60
C VAL A 423 -4.62 7.06 -24.16
N GLU A 424 -4.34 6.67 -25.40
CA GLU A 424 -5.06 5.54 -25.98
C GLU A 424 -4.75 4.21 -25.24
N TYR A 425 -3.50 4.02 -24.83
CA TYR A 425 -3.15 2.84 -24.05
C TYR A 425 -3.84 2.83 -22.68
N VAL A 426 -3.93 3.99 -22.03
CA VAL A 426 -4.60 4.04 -20.73
C VAL A 426 -6.08 3.71 -20.91
N LYS A 427 -6.69 4.14 -22.01
CA LYS A 427 -8.06 3.73 -22.30
C LYS A 427 -8.15 2.20 -22.43
N GLU A 428 -7.15 1.58 -23.05
CA GLU A 428 -7.12 0.11 -23.15
C GLU A 428 -7.02 -0.53 -21.77
N LEU A 429 -6.18 0.03 -20.90
CA LEU A 429 -6.06 -0.48 -19.55
C LEU A 429 -7.36 -0.28 -18.78
N ASN A 430 -8.04 0.84 -19.01
CA ASN A 430 -9.30 1.06 -18.29
C ASN A 430 -10.34 0.03 -18.68
N ALA A 431 -10.44 -0.21 -19.98
CA ALA A 431 -11.40 -1.22 -20.47
C ALA A 431 -11.01 -2.62 -19.95
N LEU A 432 -9.72 -2.89 -19.85
CA LEU A 432 -9.29 -4.20 -19.34
C LEU A 432 -9.65 -4.33 -17.84
N ALA A 433 -9.43 -3.28 -17.07
CA ALA A 433 -9.77 -3.31 -15.64
C ALA A 433 -11.28 -3.60 -15.45
N LYS A 434 -12.11 -2.93 -16.25
CA LYS A 434 -13.55 -3.09 -16.14
C LYS A 434 -13.99 -4.50 -16.57
N GLN A 435 -13.25 -5.08 -17.50
CA GLN A 435 -13.53 -6.45 -17.92
C GLN A 435 -13.14 -7.45 -16.83
N GLU A 436 -11.96 -7.24 -16.25
CA GLU A 436 -11.44 -8.13 -15.22
C GLU A 436 -12.26 -8.01 -13.95
N ASP A 437 -12.78 -6.81 -13.69
CA ASP A 437 -13.48 -6.58 -12.44
C ASP A 437 -14.47 -5.42 -12.56
N PRO A 438 -15.70 -5.72 -12.99
CA PRO A 438 -16.73 -4.67 -13.04
C PRO A 438 -17.21 -4.20 -11.66
N THR A 439 -16.71 -4.80 -10.57
CA THR A 439 -17.26 -4.51 -9.26
C THR A 439 -16.52 -3.42 -8.51
N ARG A 440 -15.46 -2.88 -9.12
CA ARG A 440 -14.72 -1.76 -8.55
C ARG A 440 -14.48 -0.73 -9.62
N PRO A 441 -14.46 0.54 -9.22
CA PRO A 441 -14.16 1.64 -10.13
C PRO A 441 -12.67 1.78 -10.38
N THR A 442 -12.31 2.34 -11.52
CA THR A 442 -10.90 2.68 -11.76
C THR A 442 -10.61 4.10 -11.30
N THR A 443 -9.35 4.40 -11.01
CA THR A 443 -8.94 5.74 -10.58
C THR A 443 -7.55 6.01 -11.16
N SER A 444 -7.01 7.20 -10.95
CA SER A 444 -5.65 7.50 -11.40
C SER A 444 -5.17 8.74 -10.69
N ALA A 445 -3.87 8.94 -10.68
CA ALA A 445 -3.27 10.06 -9.97
C ALA A 445 -2.49 10.91 -10.96
N SER A 446 -2.95 12.15 -11.15
CA SER A 446 -2.45 13.00 -12.21
C SER A 446 -1.71 14.24 -11.72
N ASN A 447 -0.73 14.69 -12.51
CA ASN A 447 -0.14 15.99 -12.32
C ASN A 447 -0.30 16.81 -13.59
N GLN A 448 -1.30 16.47 -14.41
CA GLN A 448 -1.47 17.09 -15.73
C GLN A 448 -2.84 17.72 -15.90
N ASP A 449 -2.96 18.67 -16.83
CA ASP A 449 -4.25 19.07 -17.41
C ASP A 449 -4.53 18.20 -18.61
N GLY A 450 -5.78 18.15 -19.06
CA GLY A 450 -6.07 17.53 -20.35
C GLY A 450 -6.67 16.14 -20.34
N ASN A 451 -6.57 15.46 -21.48
CA ASN A 451 -7.33 14.25 -21.74
C ASN A 451 -7.03 13.07 -20.81
N LEU A 452 -5.81 13.03 -20.26
CA LEU A 452 -5.49 11.94 -19.33
C LEU A 452 -6.42 11.92 -18.09
N ASN A 453 -7.04 13.06 -17.78
CA ASN A 453 -7.86 13.12 -16.57
C ASN A 453 -9.29 12.59 -16.74
N PHE A 454 -9.66 12.24 -17.97
CA PHE A 454 -11.04 11.95 -18.31
C PHE A 454 -11.27 10.51 -18.72
N ILE A 455 -10.40 9.61 -18.28
CA ILE A 455 -10.50 8.21 -18.69
C ILE A 455 -11.06 7.34 -17.56
N THR A 456 -10.42 7.39 -16.40
CA THR A 456 -10.82 6.57 -15.26
C THR A 456 -12.08 7.12 -14.60
N GLU A 457 -12.79 6.27 -13.86
CA GLU A 457 -14.09 6.69 -13.29
C GLU A 457 -13.96 7.79 -12.26
N ASN A 458 -13.00 7.65 -11.38
CA ASN A 458 -12.62 8.70 -10.44
C ASN A 458 -11.27 9.26 -10.91
N ILE A 459 -10.98 10.51 -10.54
CA ILE A 459 -9.72 11.11 -10.92
C ILE A 459 -9.16 11.75 -9.66
N ALA A 460 -7.86 11.86 -9.60
CA ALA A 460 -7.26 12.57 -8.47
C ALA A 460 -6.00 13.26 -8.92
N TRP A 461 -5.61 14.32 -8.20
CA TRP A 461 -4.38 15.05 -8.53
C TRP A 461 -3.39 15.09 -7.37
N ASN A 462 -2.12 15.13 -7.73
CA ASN A 462 -1.02 15.26 -6.79
C ASN A 462 -0.73 16.74 -6.67
N ARG A 463 -1.01 17.33 -5.51
CA ARG A 463 -0.90 18.80 -5.35
C ARG A 463 0.04 19.18 -4.24
N TYR A 464 0.95 20.12 -4.51
CA TYR A 464 1.98 20.56 -3.57
C TYR A 464 2.01 22.09 -3.40
N ASP A 465 0.83 22.69 -3.53
CA ASP A 465 0.65 24.13 -3.28
C ASP A 465 1.15 24.48 -1.88
N GLY A 466 2.18 25.33 -1.79
CA GLY A 466 2.74 25.63 -0.49
C GLY A 466 4.00 24.83 -0.18
N TRP A 467 4.33 23.85 -1.02
CA TRP A 467 5.65 23.17 -0.93
C TRP A 467 6.51 23.38 -2.20
N TYR A 468 6.00 22.99 -3.37
CA TYR A 468 6.78 23.13 -4.60
C TYR A 468 6.46 24.50 -5.25
N GLY A 469 6.25 25.50 -4.42
CA GLY A 469 5.92 26.83 -4.90
C GLY A 469 4.49 27.18 -4.52
N SER A 470 4.13 28.45 -4.75
CA SER A 470 2.79 28.94 -4.44
C SER A 470 2.50 28.90 -2.94
N THR A 471 1.21 28.88 -2.60
CA THR A 471 0.76 28.92 -1.23
C THR A 471 -0.36 27.89 -1.13
N PRO A 472 -0.68 27.41 0.09
CA PRO A 472 -1.75 26.40 0.18
C PRO A 472 -3.05 26.88 -0.44
N LYS A 473 -3.29 28.20 -0.45
CA LYS A 473 -4.55 28.75 -0.96
C LYS A 473 -4.82 28.34 -2.40
N THR A 474 -3.78 28.18 -3.22
CA THR A 474 -4.06 27.86 -4.63
C THR A 474 -4.60 26.44 -4.80
N LEU A 475 -4.48 25.60 -3.77
CA LEU A 475 -5.13 24.30 -3.82
C LEU A 475 -6.62 24.51 -3.75
N ALA A 476 -7.04 25.40 -2.86
CA ALA A 476 -8.47 25.71 -2.77
C ALA A 476 -8.98 26.25 -4.11
N THR A 477 -8.22 27.15 -4.73
CA THR A 477 -8.63 27.71 -6.03
C THR A 477 -8.70 26.67 -7.14
N PHE A 478 -7.69 25.80 -7.20
CA PHE A 478 -7.69 24.71 -8.17
C PHE A 478 -8.89 23.77 -7.97
N LEU A 479 -9.13 23.35 -6.74
CA LEU A 479 -10.24 22.44 -6.47
C LEU A 479 -11.59 23.06 -6.88
N ASP A 480 -11.81 24.32 -6.53
CA ASP A 480 -13.11 24.95 -6.80
C ASP A 480 -13.31 25.19 -8.30
N ARG A 481 -12.26 25.66 -8.97
CA ARG A 481 -12.36 25.96 -10.40
C ARG A 481 -12.58 24.68 -11.22
N THR A 482 -11.85 23.61 -10.88
CA THR A 482 -11.99 22.36 -11.58
C THR A 482 -13.37 21.75 -11.38
N HIS A 483 -13.85 21.80 -10.14
CA HIS A 483 -15.15 21.26 -9.82
C HIS A 483 -16.28 22.01 -10.56
N LYS A 484 -16.12 23.34 -10.69
CA LYS A 484 -17.13 24.15 -11.40
C LYS A 484 -17.09 23.94 -12.91
N LYS A 485 -15.88 23.90 -13.46
CA LYS A 485 -15.71 23.72 -14.90
C LYS A 485 -16.10 22.31 -15.36
N HIS A 486 -15.88 21.31 -14.51
CA HIS A 486 -16.08 19.92 -14.89
C HIS A 486 -16.92 19.20 -13.83
N PRO A 487 -18.21 19.55 -13.77
CA PRO A 487 -19.04 19.05 -12.66
C PRO A 487 -19.23 17.53 -12.65
N GLU A 488 -18.86 16.84 -13.74
CA GLU A 488 -19.03 15.38 -13.79
C GLU A 488 -17.84 14.62 -13.16
N LEU A 489 -16.71 15.29 -12.98
CA LEU A 489 -15.54 14.63 -12.40
C LEU A 489 -15.72 14.32 -10.92
N ARG A 490 -15.29 13.12 -10.53
CA ARG A 490 -15.20 12.79 -9.11
C ARG A 490 -13.77 13.13 -8.71
N ILE A 491 -13.61 14.25 -8.03
CA ILE A 491 -12.28 14.81 -7.76
C ILE A 491 -11.68 14.36 -6.44
N GLY A 492 -10.45 13.84 -6.47
CA GLY A 492 -9.75 13.49 -5.25
C GLY A 492 -8.40 14.17 -5.22
N ILE A 493 -7.72 14.07 -4.09
CA ILE A 493 -6.34 14.51 -3.99
C ILE A 493 -5.48 13.29 -3.69
N SER A 494 -4.75 12.80 -4.70
CA SER A 494 -4.03 11.52 -4.57
C SER A 494 -2.69 11.67 -3.83
N GLU A 495 -2.19 12.91 -3.77
CA GLU A 495 -1.01 13.25 -2.96
C GLU A 495 -1.07 14.70 -2.52
N TYR A 496 -0.70 14.99 -1.27
CA TYR A 496 -0.34 16.36 -0.90
C TYR A 496 0.63 16.23 0.27
N GLY A 497 1.65 17.08 0.34
CA GLY A 497 2.65 16.95 1.38
C GLY A 497 3.75 18.00 1.34
N ALA A 498 4.63 17.92 2.32
CA ALA A 498 5.75 18.84 2.51
C ALA A 498 6.87 18.09 3.21
N GLY A 499 8.12 18.46 2.95
CA GLY A 499 9.24 17.81 3.58
C GLY A 499 9.54 18.32 4.99
N ALA A 500 10.12 17.44 5.79
CA ALA A 500 10.60 17.83 7.13
C ALA A 500 11.68 16.89 7.64
N SER A 501 12.75 17.48 8.15
CA SER A 501 13.71 16.77 8.99
C SER A 501 13.42 17.07 10.45
N ILE A 502 13.44 16.04 11.29
CA ILE A 502 13.25 16.26 12.72
C ILE A 502 14.47 16.93 13.32
N TYR A 503 15.56 17.02 12.55
CA TYR A 503 16.77 17.68 13.05
C TYR A 503 16.92 19.11 12.55
N HIS A 504 15.95 19.60 11.79
CA HIS A 504 15.96 20.97 11.30
C HIS A 504 14.90 21.76 12.02
N GLN A 505 15.32 22.67 12.89
CA GLN A 505 14.36 23.39 13.73
C GLN A 505 14.72 24.86 13.78
N GLN A 506 13.71 25.71 13.72
CA GLN A 506 13.91 27.15 13.84
C GLN A 506 12.69 27.79 14.51
N ASP A 507 12.92 28.85 15.26
CA ASP A 507 11.88 29.43 16.09
C ASP A 507 10.81 30.10 15.22
N SER A 508 11.23 30.67 14.10
CA SER A 508 10.33 31.42 13.23
C SER A 508 9.83 30.58 12.05
N LEU A 509 8.64 30.91 11.55
CA LEU A 509 8.06 30.20 10.42
C LEU A 509 8.50 30.84 9.13
N LYS A 510 9.24 30.11 8.30
CA LYS A 510 9.69 30.64 7.03
C LYS A 510 9.71 29.51 6.00
N GLN A 511 9.11 29.75 4.85
CA GLN A 511 9.06 28.73 3.82
C GLN A 511 10.45 28.42 3.28
N PRO A 512 10.84 27.14 3.31
CA PRO A 512 12.16 26.75 2.80
C PRO A 512 12.13 26.45 1.29
N SER A 513 13.30 26.43 0.68
CA SER A 513 13.43 25.91 -0.67
C SER A 513 13.23 24.40 -0.66
N ALA A 514 12.30 23.90 -1.47
CA ALA A 514 11.95 22.48 -1.47
C ALA A 514 13.19 21.62 -1.79
N SER A 515 14.00 22.07 -2.73
CA SER A 515 15.12 21.23 -3.18
C SER A 515 16.39 21.42 -2.35
N GLY A 516 16.33 22.22 -1.28
CA GLY A 516 17.52 22.56 -0.54
C GLY A 516 17.78 21.65 0.66
N TRP A 517 18.89 21.92 1.34
CA TRP A 517 19.33 21.13 2.49
C TRP A 517 18.80 21.64 3.82
N TRP A 518 17.62 22.26 3.81
CA TRP A 518 17.04 22.81 5.04
C TRP A 518 15.52 22.67 4.96
N HIS A 519 14.98 21.74 5.74
CA HIS A 519 13.57 21.40 5.74
C HIS A 519 13.04 21.50 7.17
N PRO A 520 12.87 22.75 7.68
CA PRO A 520 12.47 22.91 9.09
C PRO A 520 11.12 22.23 9.37
N GLU A 521 11.01 21.55 10.51
CA GLU A 521 9.81 20.76 10.75
C GLU A 521 8.55 21.64 10.81
N ASN A 522 8.70 22.88 11.28
CA ASN A 522 7.52 23.71 11.49
C ASN A 522 6.83 24.09 10.17
N TRP A 523 7.58 24.13 9.07
CA TRP A 523 6.92 24.37 7.80
C TRP A 523 6.04 23.17 7.40
N GLN A 524 6.49 21.94 7.65
CA GLN A 524 5.62 20.81 7.30
C GLN A 524 4.32 20.86 8.12
N THR A 525 4.46 21.21 9.40
CA THR A 525 3.30 21.35 10.27
C THR A 525 2.35 22.41 9.74
N TYR A 526 2.88 23.57 9.36
CA TYR A 526 2.07 24.65 8.84
C TYR A 526 1.36 24.19 7.56
N TYR A 527 2.12 23.55 6.67
CA TYR A 527 1.57 23.06 5.42
C TYR A 527 0.37 22.15 5.63
N HIS A 528 0.47 21.21 6.55
CA HIS A 528 -0.62 20.26 6.70
C HIS A 528 -1.81 20.88 7.41
N MET A 529 -1.57 21.76 8.36
CA MET A 529 -2.70 22.43 9.00
C MET A 529 -3.48 23.24 7.94
N GLU A 530 -2.79 23.96 7.07
CA GLU A 530 -3.48 24.83 6.10
C GLU A 530 -4.17 24.01 5.02
N ASN A 531 -3.51 22.97 4.52
CA ASN A 531 -4.13 22.13 3.50
C ASN A 531 -5.30 21.34 4.04
N TRP A 532 -5.19 20.86 5.27
CA TRP A 532 -6.29 20.11 5.85
C TRP A 532 -7.54 20.97 5.97
N LYS A 533 -7.39 22.23 6.37
CA LYS A 533 -8.54 23.12 6.48
C LYS A 533 -9.25 23.29 5.14
N ILE A 534 -8.48 23.35 4.06
CA ILE A 534 -9.05 23.49 2.73
C ILE A 534 -9.83 22.25 2.35
N ILE A 535 -9.24 21.09 2.60
CA ILE A 535 -9.92 19.81 2.32
C ILE A 535 -11.19 19.60 3.16
N ALA A 536 -11.10 19.91 4.44
CA ALA A 536 -12.20 19.65 5.37
C ALA A 536 -13.49 20.38 5.00
N GLU A 537 -13.36 21.49 4.29
CA GLU A 537 -14.50 22.31 3.91
C GLU A 537 -15.10 21.92 2.57
N ARG A 538 -14.50 20.92 1.91
CA ARG A 538 -14.88 20.57 0.55
C ARG A 538 -15.29 19.10 0.40
N PRO A 539 -16.53 18.77 0.80
CA PRO A 539 -16.95 17.36 0.74
C PRO A 539 -17.03 16.78 -0.69
N PHE A 540 -17.08 17.61 -1.75
CA PHE A 540 -17.04 17.06 -3.12
C PHE A 540 -15.69 16.36 -3.41
N VAL A 541 -14.66 16.62 -2.61
CA VAL A 541 -13.40 15.87 -2.74
C VAL A 541 -13.57 14.49 -2.09
N TRP A 542 -13.66 13.43 -2.88
CA TRP A 542 -14.03 12.11 -2.33
C TRP A 542 -12.97 11.44 -1.48
N GLY A 543 -11.72 11.82 -1.68
CA GLY A 543 -10.70 11.29 -0.79
C GLY A 543 -9.45 12.09 -0.94
N THR A 544 -8.68 12.19 0.14
CA THR A 544 -7.38 12.83 0.06
C THR A 544 -6.35 11.94 0.72
N PHE A 545 -5.14 11.93 0.15
CA PHE A 545 -4.09 11.04 0.63
C PHE A 545 -2.80 11.82 0.87
N VAL A 546 -2.39 11.90 2.12
CA VAL A 546 -1.12 12.52 2.45
C VAL A 546 0.05 11.78 1.79
N TRP A 547 0.89 12.54 1.12
CA TRP A 547 2.20 12.04 0.68
C TRP A 547 3.21 12.56 1.70
N ASN A 548 3.73 11.72 2.59
CA ASN A 548 3.53 10.27 2.65
C ASN A 548 3.41 9.92 4.13
N MET A 549 2.88 8.76 4.46
CA MET A 549 2.84 8.39 5.87
C MET A 549 4.26 8.31 6.46
N PHE A 550 5.22 7.83 5.66
CA PHE A 550 6.58 7.61 6.13
C PHE A 550 7.59 8.20 5.17
N ASP A 551 8.71 8.70 5.71
CA ASP A 551 9.83 9.06 4.85
C ASP A 551 10.18 7.77 4.08
N PHE A 552 10.73 7.91 2.88
CA PHE A 552 11.05 6.71 2.09
C PHE A 552 12.27 6.91 1.21
N GLY A 553 12.76 5.82 0.62
CA GLY A 553 14.00 5.88 -0.13
C GLY A 553 13.82 6.35 -1.56
N ALA A 554 14.71 7.25 -1.98
CA ALA A 554 14.76 7.72 -3.36
C ALA A 554 16.20 8.18 -3.56
N ALA A 555 17.03 7.29 -4.11
CA ALA A 555 18.48 7.48 -4.11
C ALA A 555 18.92 8.82 -4.69
N HIS A 556 18.17 9.32 -5.67
CA HIS A 556 18.56 10.53 -6.41
C HIS A 556 18.27 11.84 -5.68
N ARG A 557 17.49 11.78 -4.60
CA ARG A 557 17.17 12.97 -3.82
C ARG A 557 18.43 13.52 -3.12
N THR A 558 18.52 14.84 -3.07
CA THR A 558 19.63 15.55 -2.42
C THR A 558 19.05 16.74 -1.64
N GLU A 559 18.26 16.44 -0.61
CA GLU A 559 17.52 17.50 0.09
C GLU A 559 17.24 17.11 1.54
N GLY A 560 16.81 18.09 2.35
CA GLY A 560 16.55 17.77 3.73
C GLY A 560 17.83 17.50 4.49
N ASP A 561 17.80 16.55 5.41
CA ASP A 561 18.95 16.37 6.31
C ASP A 561 19.93 15.30 5.83
N ARG A 562 19.66 14.70 4.68
CA ARG A 562 20.57 13.68 4.12
C ARG A 562 20.13 13.29 2.72
N PRO A 563 21.08 12.87 1.85
CA PRO A 563 20.71 12.46 0.49
C PRO A 563 19.99 11.12 0.51
N GLY A 564 19.29 10.83 -0.58
CA GLY A 564 18.76 9.50 -0.81
C GLY A 564 17.40 9.30 -0.19
N ILE A 565 16.84 10.37 0.37
CA ILE A 565 15.58 10.24 1.12
C ILE A 565 14.53 11.25 0.66
N ASN A 566 13.29 10.77 0.48
CA ASN A 566 12.17 11.68 0.34
C ASN A 566 11.59 11.88 1.74
N ASP A 567 11.70 13.10 2.29
CA ASP A 567 11.33 13.31 3.70
C ASP A 567 9.94 13.91 3.91
N LYS A 568 9.01 13.56 3.05
CA LYS A 568 7.66 14.09 3.22
C LYS A 568 6.82 13.23 4.18
N GLY A 569 7.45 12.27 4.83
CA GLY A 569 6.71 11.42 5.77
C GLY A 569 6.15 12.20 6.95
N LEU A 570 5.03 11.70 7.50
CA LEU A 570 4.56 12.16 8.81
C LEU A 570 5.33 11.47 9.93
N VAL A 571 6.00 10.39 9.56
CA VAL A 571 6.78 9.55 10.49
C VAL A 571 8.15 9.25 9.85
N THR A 572 9.22 9.13 10.64
CA THR A 572 10.53 8.93 10.05
C THR A 572 10.70 7.54 9.40
N PHE A 573 11.77 7.39 8.61
CA PHE A 573 12.00 6.22 7.74
C PHE A 573 12.14 4.92 8.55
N ASP A 574 12.67 5.06 9.76
CA ASP A 574 12.85 3.91 10.66
C ASP A 574 11.58 3.67 11.52
N ARG A 575 10.54 4.49 11.31
CA ARG A 575 9.25 4.39 12.01
C ARG A 575 9.36 4.73 13.49
N LYS A 576 10.45 5.36 13.87
CA LYS A 576 10.72 5.65 15.28
C LYS A 576 10.07 6.94 15.78
N VAL A 577 10.06 7.97 14.95
CA VAL A 577 9.66 9.30 15.39
C VAL A 577 8.50 9.83 14.60
N ARG A 578 7.45 10.23 15.31
CA ARG A 578 6.29 10.89 14.72
C ARG A 578 6.53 12.39 14.66
N LYS A 579 6.40 12.98 13.48
CA LYS A 579 6.61 14.42 13.32
C LYS A 579 5.39 15.17 13.86
N ASP A 580 5.49 16.48 14.06
CA ASP A 580 4.38 17.22 14.70
C ASP A 580 3.07 17.04 13.93
N ALA A 581 3.14 17.03 12.59
CA ALA A 581 1.93 16.89 11.76
C ALA A 581 1.17 15.60 12.03
N PHE A 582 1.89 14.55 12.40
CA PHE A 582 1.25 13.26 12.78
C PHE A 582 0.22 13.50 13.88
N TYR A 583 0.57 14.31 14.86
CA TYR A 583 -0.30 14.57 15.98
C TYR A 583 -1.43 15.56 15.67
N PHE A 584 -1.18 16.51 14.76
CA PHE A 584 -2.28 17.32 14.25
C PHE A 584 -3.35 16.40 13.64
N TYR A 585 -2.95 15.48 12.79
CA TYR A 585 -3.95 14.60 12.16
C TYR A 585 -4.57 13.70 13.23
N LYS A 586 -3.75 13.20 14.16
CA LYS A 586 -4.28 12.27 15.18
C LYS A 586 -5.41 12.93 16.01
N ALA A 587 -5.21 14.18 16.38
CA ALA A 587 -6.21 14.93 17.17
C ALA A 587 -7.51 15.12 16.40
N ASN A 588 -7.39 15.33 15.09
CA ASN A 588 -8.54 15.62 14.26
C ASN A 588 -9.24 14.35 13.77
N TRP A 589 -8.46 13.29 13.58
CA TRP A 589 -8.98 12.07 12.94
C TRP A 589 -9.27 10.96 13.94
N ASN A 590 -8.59 10.99 15.07
CA ASN A 590 -8.78 9.94 16.07
C ASN A 590 -9.34 10.57 17.33
N LYS A 591 -10.61 10.98 17.26
CA LYS A 591 -11.16 11.84 18.30
C LYS A 591 -11.54 11.12 19.59
N GLN A 592 -11.64 9.81 19.54
CA GLN A 592 -12.10 9.10 20.72
C GLN A 592 -10.93 8.57 21.59
N GLU A 593 -9.69 8.82 21.16
CA GLU A 593 -8.58 8.55 22.06
C GLU A 593 -8.11 9.88 22.63
N PRO A 594 -8.29 10.09 23.95
CA PRO A 594 -7.85 11.35 24.58
C PRO A 594 -6.37 11.60 24.40
N MET A 595 -6.01 12.83 24.09
CA MET A 595 -4.60 13.15 23.94
C MET A 595 -4.36 14.65 24.07
N ILE A 596 -3.14 14.98 24.46
CA ILE A 596 -2.62 16.34 24.26
C ILE A 596 -1.17 16.24 23.83
N TYR A 597 -0.82 17.04 22.82
CA TYR A 597 0.54 17.02 22.31
C TYR A 597 1.01 18.44 22.11
N LEU A 598 2.13 18.78 22.76
CA LEU A 598 2.75 20.09 22.55
C LEU A 598 3.57 20.07 21.27
N ALA A 599 3.28 20.99 20.35
CA ALA A 599 4.07 21.12 19.14
C ALA A 599 5.41 21.83 19.40
N GLU A 600 6.35 21.61 18.49
CA GLU A 600 7.64 22.31 18.47
C GLU A 600 8.54 21.99 19.65
N LYS A 601 8.31 20.84 20.27
CA LYS A 601 9.19 20.40 21.34
C LYS A 601 10.62 20.17 20.87
N ARG A 602 10.80 19.76 19.62
CA ARG A 602 12.17 19.54 19.12
C ARG A 602 12.87 20.87 18.88
N CYS A 603 12.12 21.97 18.81
CA CYS A 603 12.78 23.27 18.69
C CYS A 603 13.16 23.76 20.10
N ARG A 604 14.32 23.30 20.57
CA ARG A 604 14.73 23.54 21.95
C ARG A 604 15.30 24.92 22.21
N LEU A 605 15.80 25.55 21.17
CA LEU A 605 16.44 26.84 21.33
C LEU A 605 15.50 27.93 20.87
N ARG A 606 15.12 28.81 21.78
CA ARG A 606 14.19 29.89 21.45
C ARG A 606 14.87 31.25 21.52
N TYR A 607 14.50 32.14 20.60
CA TYR A 607 15.04 33.49 20.62
C TYR A 607 13.98 34.58 20.38
N GLN A 608 12.79 34.22 19.90
CA GLN A 608 11.73 35.21 19.67
C GLN A 608 11.31 35.86 20.98
N PRO A 609 11.26 37.20 21.03
CA PRO A 609 10.79 37.95 22.21
C PRO A 609 9.38 37.51 22.64
N GLU A 610 8.49 37.39 21.67
CA GLU A 610 7.13 36.90 21.91
C GLU A 610 7.00 35.43 21.49
N GLN A 611 6.93 34.54 22.46
CA GLN A 611 6.80 33.12 22.14
C GLN A 611 5.34 32.72 21.93
N THR A 612 5.12 31.87 20.94
CA THR A 612 3.82 31.24 20.71
C THR A 612 3.93 29.76 21.02
N PHE A 613 3.00 29.23 21.81
CA PHE A 613 2.98 27.80 22.04
C PHE A 613 1.69 27.25 21.47
N MET A 614 1.75 26.03 20.94
N MET A 614 1.75 26.02 20.97
CA MET A 614 0.62 25.42 20.26
CA MET A 614 0.64 25.40 20.24
C MET A 614 0.49 23.95 20.61
C MET A 614 0.50 23.94 20.64
N ALA A 615 -0.72 23.53 20.98
CA ALA A 615 -0.95 22.13 21.32
C ALA A 615 -2.09 21.55 20.48
N PHE A 616 -2.00 20.25 20.21
CA PHE A 616 -3.07 19.53 19.55
C PHE A 616 -3.73 18.65 20.59
N THR A 617 -5.05 18.75 20.72
CA THR A 617 -5.70 17.99 21.75
C THR A 617 -7.11 17.62 21.35
N THR A 618 -7.59 16.51 21.91
CA THR A 618 -8.98 16.12 21.79
C THR A 618 -9.86 16.86 22.81
N ALA A 619 -9.23 17.51 23.78
CA ALA A 619 -10.00 18.24 24.82
C ALA A 619 -10.58 19.55 24.29
N PRO A 620 -11.63 20.09 24.96
CA PRO A 620 -12.21 21.36 24.53
C PRO A 620 -11.32 22.55 24.84
N GLU A 621 -10.41 22.36 25.80
CA GLU A 621 -9.45 23.41 26.14
C GLU A 621 -8.23 22.81 26.83
N ALA A 622 -7.22 23.64 27.05
CA ALA A 622 -6.02 23.20 27.75
C ALA A 622 -5.40 24.36 28.48
N GLU A 623 -4.52 24.06 29.43
CA GLU A 623 -3.87 25.07 30.24
C GLU A 623 -2.36 25.04 30.03
N LEU A 624 -1.74 26.22 29.89
CA LEU A 624 -0.28 26.32 29.74
C LEU A 624 0.39 26.74 31.05
N PHE A 625 1.52 26.10 31.36
CA PHE A 625 2.36 26.45 32.51
C PHE A 625 3.77 26.74 32.02
N VAL A 626 4.36 27.81 32.53
CA VAL A 626 5.73 28.19 32.21
C VAL A 626 6.49 28.32 33.53
N ASN A 627 7.52 27.50 33.71
CA ASN A 627 8.28 27.47 34.96
C ASN A 627 7.39 27.26 36.18
N GLY A 628 6.42 26.37 36.03
CA GLY A 628 5.50 26.00 37.09
C GLY A 628 4.39 26.99 37.41
N VAL A 629 4.28 28.05 36.62
CA VAL A 629 3.29 29.09 36.86
C VAL A 629 2.32 29.12 35.70
N SER A 630 1.03 28.97 36.00
CA SER A 630 0.00 28.95 34.96
C SER A 630 -0.04 30.22 34.13
N CYS A 631 -0.21 30.06 32.81
CA CYS A 631 -0.45 31.17 31.91
C CYS A 631 -1.94 31.26 31.53
N GLY A 632 -2.72 30.32 32.06
CA GLY A 632 -4.15 30.35 31.84
C GLY A 632 -4.62 29.36 30.79
N LYS A 633 -5.94 29.19 30.69
CA LYS A 633 -6.52 28.27 29.72
C LYS A 633 -6.81 28.91 28.39
N GLN A 634 -6.74 28.08 27.33
CA GLN A 634 -7.16 28.50 25.99
C GLN A 634 -8.06 27.44 25.37
N LYS A 635 -9.04 27.88 24.59
CA LYS A 635 -9.97 26.94 23.95
C LYS A 635 -9.36 26.30 22.72
N ALA A 636 -9.66 25.04 22.47
CA ALA A 636 -9.32 24.41 21.20
C ALA A 636 -10.21 24.96 20.10
N ASP A 637 -9.65 25.15 18.91
CA ASP A 637 -10.42 25.61 17.76
C ASP A 637 -11.10 24.42 17.10
N THR A 638 -11.67 24.62 15.92
CA THR A 638 -12.42 23.58 15.21
CA THR A 638 -12.43 23.54 15.29
C THR A 638 -11.49 22.46 14.74
N TYR A 639 -10.19 22.76 14.73
CA TYR A 639 -9.18 21.81 14.27
C TYR A 639 -8.29 21.31 15.40
N SER A 640 -8.89 21.21 16.60
CA SER A 640 -8.25 20.59 17.75
C SER A 640 -6.92 21.22 18.14
N THR A 641 -6.80 22.51 17.85
CA THR A 641 -5.58 23.24 18.12
C THR A 641 -5.79 24.31 19.21
N VAL A 642 -4.90 24.33 20.19
CA VAL A 642 -4.91 25.35 21.24
C VAL A 642 -3.66 26.19 21.10
N VAL A 643 -3.80 27.51 21.19
CA VAL A 643 -2.67 28.41 20.95
C VAL A 643 -2.57 29.52 22.00
N TRP A 644 -1.37 29.70 22.54
CA TRP A 644 -1.09 30.78 23.50
C TRP A 644 -0.09 31.72 22.88
N LYS A 645 -0.37 33.02 22.90
CA LYS A 645 0.51 34.00 22.28
C LYS A 645 1.18 34.95 23.29
N ASN A 646 2.26 35.60 22.85
CA ASN A 646 2.99 36.54 23.70
C ASN A 646 3.39 35.96 25.05
N VAL A 647 3.86 34.72 25.03
CA VAL A 647 4.32 34.07 26.23
C VAL A 647 5.73 34.54 26.54
N LYS A 648 5.94 34.90 27.80
CA LYS A 648 7.21 35.46 28.24
C LYS A 648 8.13 34.43 28.87
N LEU A 649 9.27 34.20 28.23
CA LEU A 649 10.25 33.27 28.78
C LEU A 649 11.32 34.04 29.55
N THR A 650 12.00 33.37 30.45
CA THR A 650 13.12 34.01 31.12
C THR A 650 14.42 33.44 30.55
N SER A 651 15.49 34.23 30.60
CA SER A 651 16.77 33.84 30.01
C SER A 651 17.26 32.49 30.56
N GLY A 652 17.65 31.58 29.68
CA GLY A 652 18.05 30.25 30.10
C GLY A 652 16.96 29.20 29.98
N GLU A 653 17.01 28.19 30.86
CA GLU A 653 16.05 27.09 30.80
C GLU A 653 14.65 27.48 31.26
N ASN A 654 13.66 27.03 30.50
CA ASN A 654 12.26 27.21 30.84
C ASN A 654 11.55 25.86 30.71
N ILE A 655 10.73 25.52 31.70
CA ILE A 655 9.96 24.29 31.62
C ILE A 655 8.55 24.63 31.14
N ILE A 656 8.13 24.06 30.02
CA ILE A 656 6.84 24.39 29.41
C ILE A 656 5.95 23.17 29.59
N ARG A 657 4.75 23.34 30.15
CA ARG A 657 3.86 22.20 30.34
C ARG A 657 2.45 22.56 29.87
N VAL A 658 1.78 21.61 29.22
CA VAL A 658 0.37 21.81 28.85
C VAL A 658 -0.45 20.67 29.39
N THR A 659 -1.66 21.00 29.83
CA THR A 659 -2.47 20.03 30.55
C THR A 659 -3.94 20.14 30.10
N THR A 660 -4.62 19.00 29.99
CA THR A 660 -6.06 19.01 29.73
C THR A 660 -6.84 19.19 31.04
N PRO A 661 -8.12 19.57 30.95
CA PRO A 661 -8.94 19.68 32.16
C PRO A 661 -9.32 18.32 32.74
N GLY A 662 -9.90 18.32 33.94
CA GLY A 662 -10.35 17.09 34.56
C GLY A 662 -9.57 16.78 35.83
N LYS A 663 -10.08 15.82 36.61
CA LYS A 663 -9.42 15.39 37.84
C LYS A 663 -8.17 14.59 37.51
N LYS A 664 -8.25 13.78 36.45
CA LYS A 664 -7.12 13.02 35.96
C LYS A 664 -6.76 13.50 34.54
N PRO A 665 -5.91 14.52 34.46
CA PRO A 665 -5.58 15.19 33.21
C PRO A 665 -4.47 14.51 32.42
N LEU A 666 -4.33 14.89 31.16
CA LEU A 666 -3.20 14.45 30.37
C LEU A 666 -2.25 15.63 30.26
N THR A 667 -0.95 15.35 30.15
CA THR A 667 0.03 16.42 30.04
C THR A 667 1.13 16.16 29.01
N ASP A 668 1.71 17.23 28.50
CA ASP A 668 2.91 17.14 27.67
C ASP A 668 3.84 18.24 28.16
N GLU A 669 5.14 18.03 28.02
CA GLU A 669 6.13 18.88 28.67
C GLU A 669 7.40 18.95 27.84
N VAL A 670 8.10 20.08 27.94
CA VAL A 670 9.42 20.22 27.34
C VAL A 670 10.21 21.32 28.03
N THR A 671 11.53 21.15 28.07
CA THR A 671 12.43 22.19 28.51
C THR A 671 13.09 22.88 27.32
N VAL A 672 12.89 24.18 27.19
CA VAL A 672 13.51 24.96 26.13
C VAL A 672 14.49 25.94 26.75
N GLU A 673 15.45 26.40 25.95
CA GLU A 673 16.39 27.44 26.37
C GLU A 673 16.13 28.73 25.61
N TYR A 674 16.01 29.82 26.35
CA TYR A 674 15.70 31.11 25.74
C TYR A 674 16.92 32.01 25.84
N LYS A 675 17.30 32.66 24.74
CA LYS A 675 18.47 33.55 24.77
C LYS A 675 18.41 34.62 23.70
#